data_2GO7
#
_entry.id   2GO7
#
_cell.length_a   155.000
_cell.length_b   155.000
_cell.length_c   88.440
_cell.angle_alpha   90.000
_cell.angle_beta   90.000
_cell.angle_gamma   120.000
#
_symmetry.space_group_name_H-M   'P 61'
#
loop_
_entity.id
_entity.type
_entity.pdbx_description
1 polymer 'hydrolase, haloacid dehalogenase-like family'
2 non-polymer 'MAGNESIUM ION'
3 non-polymer 'CHLORIDE ION'
4 water water
#
_entity_poly.entity_id   1
_entity_poly.type   'polypeptide(L)'
_entity_poly.pdbx_seq_one_letter_code
;G(MSE)QKTAFIWDLDGTLLDSYEAILSGIEETFAQFSIPYDKEKVREFIFKYSVQDLLVRVAEDRNLDVEVLNQVRAQS
LAEKNAQVVL(MSE)PGAREVLAWADESGIQQFIYTHKGNNAFTILKDLGVESYFTEILTSQSGFVRKPSPEAATYLLDK
YQLNSDNTYYIGDRTLDVEFAQNSGIQSINFLESTYEGNHRIQALADISRIFETK
;
_entity_poly.pdbx_strand_id   A,B,C,D
#
loop_
_chem_comp.id
_chem_comp.type
_chem_comp.name
_chem_comp.formula
CL non-polymer 'CHLORIDE ION' 'Cl -1'
MG non-polymer 'MAGNESIUM ION' 'Mg 2'
#
# COMPACT_ATOMS: atom_id res chain seq x y z
N LYS A 4 23.03 -1.28 -2.93
CA LYS A 4 23.05 -1.59 -4.38
C LYS A 4 22.28 -2.91 -4.69
N THR A 5 22.95 -4.07 -4.69
CA THR A 5 22.40 -5.28 -5.39
C THR A 5 22.08 -6.42 -4.44
N ALA A 6 21.00 -7.11 -4.74
CA ALA A 6 20.50 -8.21 -3.90
C ALA A 6 20.04 -9.34 -4.78
N PHE A 7 20.41 -10.56 -4.40
CA PHE A 7 19.87 -11.79 -4.97
C PHE A 7 18.99 -12.46 -3.95
N ILE A 8 17.83 -12.92 -4.41
CA ILE A 8 16.89 -13.75 -3.63
C ILE A 8 16.81 -15.07 -4.41
N TRP A 9 17.22 -16.13 -3.76
CA TRP A 9 17.40 -17.40 -4.38
C TRP A 9 16.30 -18.45 -4.12
N ASP A 10 15.95 -19.14 -5.20
CA ASP A 10 15.34 -20.48 -5.15
C ASP A 10 16.36 -21.54 -4.70
N LEU A 11 15.88 -22.63 -4.15
CA LEU A 11 16.76 -23.75 -3.82
C LEU A 11 16.76 -24.83 -4.87
N ASP A 12 15.76 -25.70 -4.85
CA ASP A 12 15.76 -26.87 -5.74
C ASP A 12 15.79 -26.54 -7.26
N GLY A 13 16.74 -27.17 -7.95
CA GLY A 13 17.00 -26.89 -9.35
C GLY A 13 17.78 -25.62 -9.63
N THR A 14 18.04 -24.83 -8.60
CA THR A 14 18.81 -23.61 -8.77
C THR A 14 20.13 -23.71 -8.01
N LEU A 15 20.07 -23.67 -6.68
CA LEU A 15 21.25 -23.94 -5.81
C LEU A 15 21.44 -25.41 -5.41
N LEU A 16 20.34 -26.14 -5.27
CA LEU A 16 20.28 -27.46 -4.63
C LEU A 16 19.82 -28.52 -5.63
N ASP A 17 20.50 -29.66 -5.59
CA ASP A 17 20.10 -30.82 -6.32
C ASP A 17 19.62 -31.83 -5.27
N SER A 18 18.31 -31.76 -5.01
CA SER A 18 17.62 -32.61 -4.08
C SER A 18 16.94 -33.82 -4.75
N TYR A 19 17.17 -34.03 -6.05
CA TYR A 19 16.51 -35.12 -6.78
C TYR A 19 16.48 -36.51 -6.06
N GLU A 20 17.66 -37.05 -5.76
CA GLU A 20 17.73 -38.38 -5.15
C GLU A 20 17.21 -38.39 -3.71
N ALA A 21 17.39 -37.29 -3.00
CA ALA A 21 16.89 -37.17 -1.62
C ALA A 21 15.34 -37.24 -1.61
N ILE A 22 14.72 -36.52 -2.55
CA ILE A 22 13.28 -36.51 -2.70
C ILE A 22 12.74 -37.91 -3.05
N LEU A 23 13.37 -38.58 -4.00
CA LEU A 23 12.98 -39.90 -4.43
C LEU A 23 13.15 -40.90 -3.28
N SER A 24 14.28 -40.81 -2.58
CA SER A 24 14.50 -41.65 -1.37
C SER A 24 13.46 -41.38 -0.30
N GLY A 25 13.10 -40.11 -0.12
CA GLY A 25 12.09 -39.71 0.83
C GLY A 25 10.73 -40.31 0.46
N ILE A 26 10.39 -40.24 -0.82
CA ILE A 26 9.15 -40.84 -1.31
C ILE A 26 9.12 -42.38 -1.19
N GLU A 27 10.24 -43.02 -1.49
CA GLU A 27 10.37 -44.47 -1.32
C GLU A 27 10.15 -44.93 0.13
N GLU A 28 10.79 -44.24 1.06
CA GLU A 28 10.53 -44.47 2.46
C GLU A 28 9.05 -44.23 2.80
N THR A 29 8.46 -43.14 2.31
CA THR A 29 7.06 -42.86 2.63
C THR A 29 6.14 -43.94 2.07
N PHE A 30 6.35 -44.28 0.80
CA PHE A 30 5.64 -45.41 0.17
C PHE A 30 5.79 -46.77 0.93
N ALA A 31 6.98 -47.06 1.45
CA ALA A 31 7.17 -48.28 2.23
C ALA A 31 6.29 -48.23 3.47
N GLN A 32 6.18 -47.08 4.12
CA GLN A 32 5.36 -46.99 5.34
C GLN A 32 3.88 -47.23 5.09
N PHE A 33 3.40 -46.88 3.91
CA PHE A 33 1.97 -46.98 3.60
C PHE A 33 1.68 -48.16 2.68
N SER A 34 2.69 -48.97 2.42
CA SER A 34 2.54 -50.15 1.59
C SER A 34 2.07 -49.75 0.22
N ILE A 35 2.71 -48.74 -0.34
CA ILE A 35 2.42 -48.32 -1.69
C ILE A 35 3.57 -48.84 -2.55
N PRO A 36 3.27 -49.64 -3.58
CA PRO A 36 4.35 -50.03 -4.48
C PRO A 36 5.13 -48.83 -5.01
N TYR A 37 6.45 -48.97 -5.06
CA TYR A 37 7.35 -47.93 -5.47
C TYR A 37 8.13 -48.35 -6.72
N ASP A 38 7.89 -47.64 -7.81
CA ASP A 38 8.70 -47.75 -9.04
C ASP A 38 9.37 -46.40 -9.25
N LYS A 39 10.69 -46.36 -9.14
CA LYS A 39 11.44 -45.09 -9.25
C LYS A 39 11.18 -44.31 -10.53
N GLU A 40 11.18 -45.01 -11.67
CA GLU A 40 10.99 -44.34 -12.96
C GLU A 40 9.58 -43.77 -13.11
N LYS A 41 8.57 -44.50 -12.65
CA LYS A 41 7.23 -43.98 -12.75
C LYS A 41 7.04 -42.78 -11.81
N VAL A 42 7.60 -42.87 -10.60
CA VAL A 42 7.58 -41.76 -9.68
C VAL A 42 8.35 -40.55 -10.28
N ARG A 43 9.56 -40.77 -10.74
CA ARG A 43 10.35 -39.75 -11.45
C ARG A 43 9.51 -39.00 -12.53
N GLU A 44 8.90 -39.74 -13.45
CA GLU A 44 8.11 -39.13 -14.54
C GLU A 44 6.88 -38.37 -14.08
N PHE A 45 6.26 -38.83 -13.00
CA PHE A 45 5.08 -38.18 -12.46
C PHE A 45 5.46 -36.88 -11.82
N ILE A 46 6.51 -36.87 -11.01
CA ILE A 46 6.84 -35.66 -10.26
C ILE A 46 7.44 -34.61 -11.20
N PHE A 47 8.01 -35.04 -12.32
CA PHE A 47 8.48 -34.10 -13.35
C PHE A 47 7.31 -33.50 -14.14
N LYS A 48 6.33 -34.32 -14.51
CA LYS A 48 5.14 -33.79 -15.19
C LYS A 48 4.29 -32.95 -14.22
N TYR A 49 4.17 -33.39 -12.97
CA TYR A 49 3.29 -32.72 -12.02
C TYR A 49 4.05 -32.10 -10.86
N SER A 50 3.93 -32.67 -9.67
CA SER A 50 4.59 -32.17 -8.46
C SER A 50 4.54 -33.29 -7.44
N VAL A 51 5.31 -33.16 -6.34
CA VAL A 51 5.30 -34.13 -5.26
C VAL A 51 3.94 -34.13 -4.57
N GLN A 52 3.36 -32.95 -4.31
CA GLN A 52 2.03 -32.89 -3.70
C GLN A 52 0.94 -33.56 -4.54
N ASP A 53 1.01 -33.39 -5.86
CA ASP A 53 0.08 -34.09 -6.76
C ASP A 53 0.20 -35.60 -6.70
N LEU A 54 1.42 -36.10 -6.47
CA LEU A 54 1.71 -37.53 -6.31
C LEU A 54 1.10 -38.06 -5.04
N LEU A 55 1.21 -37.28 -3.96
CA LEU A 55 0.60 -37.67 -2.70
C LEU A 55 -0.93 -37.70 -2.83
N VAL A 56 -1.47 -36.70 -3.54
CA VAL A 56 -2.87 -36.58 -3.80
C VAL A 56 -3.38 -37.78 -4.57
N ARG A 57 -2.64 -38.18 -5.59
CA ARG A 57 -3.00 -39.28 -6.47
C ARG A 57 -3.13 -40.62 -5.73
N VAL A 58 -2.12 -40.94 -4.94
CA VAL A 58 -2.15 -42.16 -4.14
C VAL A 58 -3.14 -42.08 -2.95
N ALA A 59 -3.32 -40.89 -2.38
CA ALA A 59 -4.37 -40.67 -1.35
C ALA A 59 -5.78 -40.95 -1.93
N GLU A 60 -6.07 -40.40 -3.10
CA GLU A 60 -7.33 -40.63 -3.77
C GLU A 60 -7.44 -42.08 -4.20
N ASP A 61 -6.38 -42.61 -4.80
CA ASP A 61 -6.45 -43.97 -5.32
C ASP A 61 -6.47 -45.06 -4.28
N ARG A 62 -5.84 -44.83 -3.13
CA ARG A 62 -5.66 -45.89 -2.13
C ARG A 62 -6.35 -45.59 -0.81
N ASN A 63 -7.17 -44.55 -0.79
CA ASN A 63 -7.88 -44.16 0.42
C ASN A 63 -6.91 -43.91 1.60
N LEU A 64 -5.99 -42.97 1.40
CA LEU A 64 -5.08 -42.57 2.46
C LEU A 64 -5.23 -41.09 2.68
N ASP A 65 -4.80 -40.66 3.86
CA ASP A 65 -4.90 -39.27 4.25
C ASP A 65 -3.67 -38.50 3.79
N VAL A 66 -3.89 -37.60 2.84
CA VAL A 66 -2.84 -36.87 2.18
C VAL A 66 -1.95 -36.07 3.14
N GLU A 67 -2.52 -35.50 4.18
CA GLU A 67 -1.76 -34.76 5.16
C GLU A 67 -0.84 -35.64 5.98
N VAL A 68 -1.28 -36.86 6.29
CA VAL A 68 -0.42 -37.84 6.95
C VAL A 68 0.72 -38.24 5.99
N LEU A 69 0.39 -38.47 4.72
CA LEU A 69 1.41 -38.76 3.71
C LEU A 69 2.50 -37.71 3.66
N ASN A 70 2.05 -36.46 3.65
CA ASN A 70 2.91 -35.29 3.54
C ASN A 70 3.78 -35.07 4.77
N GLN A 71 3.24 -35.36 5.94
CA GLN A 71 4.03 -35.29 7.17
C GLN A 71 5.09 -36.40 7.23
N VAL A 72 4.75 -37.60 6.78
CA VAL A 72 5.77 -38.68 6.67
C VAL A 72 6.79 -38.34 5.60
N ARG A 73 6.34 -37.69 4.53
CA ARG A 73 7.23 -37.25 3.46
C ARG A 73 8.24 -36.25 3.98
N ALA A 74 7.78 -35.22 4.70
CA ALA A 74 8.66 -34.17 5.21
C ALA A 74 9.70 -34.77 6.15
N GLN A 75 9.22 -35.70 6.96
CA GLN A 75 10.03 -36.37 7.97
C GLN A 75 11.15 -37.22 7.38
N SER A 76 10.77 -38.03 6.39
CA SER A 76 11.68 -38.90 5.62
C SER A 76 12.67 -38.10 4.80
N LEU A 77 12.22 -37.02 4.21
CA LEU A 77 13.06 -36.17 3.38
C LEU A 77 14.20 -35.60 4.25
N ALA A 78 13.83 -35.16 5.46
CA ALA A 78 14.76 -34.65 6.45
C ALA A 78 15.82 -35.67 6.88
N GLU A 79 15.56 -36.97 6.67
CA GLU A 79 16.53 -38.01 6.94
C GLU A 79 17.48 -38.24 5.76
N LYS A 80 17.22 -37.64 4.61
CA LYS A 80 18.01 -37.91 3.41
C LYS A 80 18.93 -36.76 3.08
N ASN A 81 19.16 -35.87 4.05
CA ASN A 81 19.93 -34.68 3.78
C ASN A 81 21.29 -35.03 3.20
N ALA A 82 21.82 -36.19 3.55
CA ALA A 82 23.15 -36.60 3.06
C ALA A 82 23.16 -36.78 1.52
N GLN A 83 21.99 -36.99 0.94
CA GLN A 83 21.90 -37.22 -0.49
C GLN A 83 21.73 -35.93 -1.25
N VAL A 84 21.63 -34.79 -0.56
CA VAL A 84 21.49 -33.51 -1.25
C VAL A 84 22.85 -33.01 -1.70
N VAL A 85 22.93 -32.57 -2.95
CA VAL A 85 24.19 -32.10 -3.56
C VAL A 85 23.92 -30.69 -4.12
N LEU A 86 24.91 -29.82 -4.10
CA LEU A 86 24.74 -28.55 -4.75
C LEU A 86 24.60 -28.78 -6.30
N MSE A 87 23.91 -27.87 -6.96
CA MSE A 87 23.85 -27.81 -8.39
C MSE A 87 25.24 -27.44 -8.90
O MSE A 87 26.01 -26.81 -8.16
CB MSE A 87 22.83 -26.75 -8.83
CG MSE A 87 21.39 -27.13 -8.65
SE MSE A 87 20.88 -28.67 -9.78
CE MSE A 87 20.66 -27.77 -11.52
N PRO A 88 25.57 -27.79 -10.15
CA PRO A 88 26.87 -27.34 -10.64
C PRO A 88 26.96 -25.82 -10.73
N GLY A 89 28.13 -25.31 -10.33
CA GLY A 89 28.36 -23.87 -10.32
C GLY A 89 27.78 -23.11 -9.14
N ALA A 90 27.13 -23.79 -8.21
CA ALA A 90 26.42 -23.07 -7.12
C ALA A 90 27.38 -22.44 -6.10
N ARG A 91 28.38 -23.19 -5.67
CA ARG A 91 29.40 -22.69 -4.74
C ARG A 91 30.16 -21.51 -5.32
N GLU A 92 30.43 -21.58 -6.62
CA GLU A 92 31.17 -20.53 -7.34
C GLU A 92 30.36 -19.23 -7.44
N VAL A 93 29.13 -19.28 -7.90
CA VAL A 93 28.33 -18.07 -7.93
C VAL A 93 28.05 -17.50 -6.51
N LEU A 94 27.82 -18.34 -5.50
CA LEU A 94 27.58 -17.80 -4.16
C LEU A 94 28.78 -17.00 -3.64
N ALA A 95 29.98 -17.56 -3.86
CA ALA A 95 31.23 -16.94 -3.48
C ALA A 95 31.49 -15.67 -4.26
N TRP A 96 31.24 -15.70 -5.56
CA TRP A 96 31.32 -14.50 -6.41
C TRP A 96 30.44 -13.36 -5.94
N ALA A 97 29.17 -13.65 -5.70
CA ALA A 97 28.21 -12.67 -5.22
C ALA A 97 28.64 -12.08 -3.89
N ASP A 98 29.00 -12.95 -2.96
CA ASP A 98 29.49 -12.51 -1.65
C ASP A 98 30.69 -11.56 -1.75
N GLU A 99 31.71 -11.95 -2.50
CA GLU A 99 32.88 -11.10 -2.79
C GLU A 99 32.50 -9.76 -3.46
N SER A 100 31.44 -9.77 -4.25
CA SER A 100 30.99 -8.58 -4.97
C SER A 100 30.13 -7.66 -4.12
N GLY A 101 29.87 -8.06 -2.88
CA GLY A 101 29.04 -7.28 -1.99
C GLY A 101 27.57 -7.39 -2.28
N ILE A 102 27.14 -8.38 -3.05
CA ILE A 102 25.72 -8.64 -3.26
C ILE A 102 25.16 -9.30 -2.02
N GLN A 103 24.10 -8.70 -1.47
CA GLN A 103 23.36 -9.22 -0.33
C GLN A 103 22.45 -10.37 -0.81
N GLN A 104 22.43 -11.49 -0.09
CA GLN A 104 21.83 -12.72 -0.59
C GLN A 104 20.77 -13.28 0.35
N PHE A 105 19.65 -13.70 -0.23
CA PHE A 105 18.48 -14.14 0.50
C PHE A 105 17.96 -15.44 -0.15
N ILE A 106 17.12 -16.17 0.58
CA ILE A 106 16.43 -17.35 0.02
C ILE A 106 14.93 -17.20 0.26
N TYR A 107 14.15 -17.58 -0.73
CA TYR A 107 12.72 -17.92 -0.47
C TYR A 107 12.43 -19.29 -1.09
N THR A 108 12.10 -20.26 -0.23
CA THR A 108 11.93 -21.64 -0.62
C THR A 108 10.61 -22.23 -0.09
N HIS A 109 10.02 -23.16 -0.85
CA HIS A 109 8.87 -23.94 -0.44
C HIS A 109 9.26 -25.06 0.51
N LYS A 110 10.55 -25.33 0.69
CA LYS A 110 11.01 -26.30 1.68
C LYS A 110 10.74 -25.75 3.06
N GLY A 111 10.80 -26.64 4.05
CA GLY A 111 10.57 -26.28 5.44
C GLY A 111 11.87 -25.90 6.14
N ASN A 112 11.86 -25.99 7.47
CA ASN A 112 12.98 -25.57 8.30
C ASN A 112 14.24 -26.43 8.02
N ASN A 113 14.05 -27.63 7.50
CA ASN A 113 15.12 -28.48 7.08
C ASN A 113 16.06 -27.92 6.00
N ALA A 114 15.56 -26.92 5.26
CA ALA A 114 16.41 -26.12 4.37
C ALA A 114 17.67 -25.56 5.07
N PHE A 115 17.50 -25.12 6.32
CA PHE A 115 18.62 -24.60 7.11
C PHE A 115 19.64 -25.66 7.39
N THR A 116 19.15 -26.84 7.74
CA THR A 116 20.03 -28.00 7.97
C THR A 116 20.84 -28.37 6.74
N ILE A 117 20.17 -28.55 5.61
CA ILE A 117 20.85 -28.81 4.35
C ILE A 117 21.94 -27.78 4.02
N LEU A 118 21.60 -26.51 4.10
CA LEU A 118 22.55 -25.45 3.73
C LEU A 118 23.76 -25.41 4.65
N LYS A 119 23.52 -25.66 5.93
CA LYS A 119 24.61 -25.84 6.91
C LYS A 119 25.44 -27.10 6.58
N ASP A 120 24.79 -28.22 6.24
CA ASP A 120 25.52 -29.43 5.83
C ASP A 120 26.43 -29.13 4.64
N LEU A 121 25.97 -28.30 3.71
CA LEU A 121 26.70 -28.06 2.46
C LEU A 121 27.73 -26.92 2.58
N GLY A 122 27.68 -26.23 3.71
CA GLY A 122 28.62 -25.20 4.04
C GLY A 122 28.30 -23.88 3.39
N VAL A 123 27.03 -23.63 3.07
CA VAL A 123 26.67 -22.41 2.33
C VAL A 123 25.66 -21.50 3.05
N GLU A 124 25.30 -21.86 4.27
CA GLU A 124 24.27 -21.13 4.98
C GLU A 124 24.70 -19.70 5.34
N SER A 125 25.99 -19.56 5.65
CA SER A 125 26.52 -18.27 6.08
C SER A 125 26.49 -17.22 4.97
N TYR A 126 26.19 -17.58 3.71
CA TYR A 126 26.12 -16.55 2.67
C TYR A 126 24.87 -15.63 2.80
N PHE A 127 23.84 -16.16 3.43
CA PHE A 127 22.52 -15.58 3.41
C PHE A 127 22.22 -14.69 4.61
N THR A 128 21.72 -13.51 4.33
CA THR A 128 21.29 -12.58 5.37
C THR A 128 19.97 -13.00 6.00
N GLU A 129 19.05 -13.52 5.19
CA GLU A 129 17.83 -14.09 5.76
C GLU A 129 17.33 -15.19 4.84
N ILE A 130 16.87 -16.29 5.44
CA ILE A 130 16.38 -17.47 4.73
C ILE A 130 14.88 -17.66 5.06
N LEU A 131 14.04 -17.56 4.04
CA LEU A 131 12.63 -17.68 4.23
C LEU A 131 12.16 -19.02 3.62
N THR A 132 11.45 -19.78 4.44
CA THR A 132 11.01 -21.12 4.11
C THR A 132 9.46 -21.16 4.21
N SER A 133 8.88 -22.33 4.08
CA SER A 133 7.43 -22.49 4.21
C SER A 133 6.95 -22.18 5.64
N GLN A 134 7.85 -22.15 6.63
CA GLN A 134 7.49 -21.76 7.99
C GLN A 134 7.42 -20.24 8.24
N SER A 135 7.69 -19.47 7.20
CA SER A 135 7.75 -18.04 7.29
C SER A 135 6.38 -17.38 7.50
N GLY A 136 5.33 -18.05 7.03
CA GLY A 136 4.00 -17.50 7.08
C GLY A 136 3.51 -16.94 5.78
N PHE A 137 4.40 -16.76 4.81
CA PHE A 137 4.04 -16.17 3.57
C PHE A 137 3.34 -17.15 2.64
N VAL A 138 2.51 -16.62 1.74
CA VAL A 138 1.91 -17.43 0.74
C VAL A 138 2.99 -17.86 -0.22
N ARG A 139 2.81 -19.07 -0.71
CA ARG A 139 3.73 -19.68 -1.65
C ARG A 139 3.94 -18.82 -2.89
N LYS A 140 5.13 -18.90 -3.50
CA LYS A 140 5.35 -18.31 -4.83
C LYS A 140 4.26 -18.82 -5.78
N PRO A 141 3.81 -17.99 -6.74
CA PRO A 141 4.36 -16.67 -7.05
C PRO A 141 3.70 -15.49 -6.34
N SER A 142 2.98 -15.73 -5.23
CA SER A 142 2.45 -14.65 -4.41
C SER A 142 3.65 -13.76 -3.97
N PRO A 143 3.55 -12.42 -4.14
CA PRO A 143 4.72 -11.53 -3.95
C PRO A 143 5.19 -11.20 -2.49
N GLU A 144 4.40 -11.53 -1.51
CA GLU A 144 4.54 -10.97 -0.17
C GLU A 144 5.89 -11.14 0.45
N ALA A 145 6.50 -12.32 0.27
CA ALA A 145 7.86 -12.56 0.77
C ALA A 145 8.89 -11.57 0.20
N ALA A 146 8.78 -11.24 -1.06
CA ALA A 146 9.70 -10.32 -1.69
C ALA A 146 9.46 -8.89 -1.20
N THR A 147 8.21 -8.49 -1.12
CA THR A 147 7.84 -7.16 -0.66
C THR A 147 8.41 -6.91 0.73
N TYR A 148 8.33 -7.93 1.59
CA TYR A 148 8.90 -7.92 2.97
C TYR A 148 10.41 -7.64 2.94
N LEU A 149 11.14 -8.37 2.09
CA LEU A 149 12.57 -8.18 1.98
C LEU A 149 12.93 -6.78 1.44
N LEU A 150 12.19 -6.28 0.45
CA LEU A 150 12.39 -4.88 0.00
C LEU A 150 12.22 -3.87 1.10
N ASP A 151 11.11 -4.03 1.84
CA ASP A 151 10.73 -3.15 2.92
C ASP A 151 11.70 -3.17 4.10
N LYS A 152 12.20 -4.36 4.46
CA LYS A 152 13.06 -4.55 5.63
C LYS A 152 14.47 -4.07 5.36
N TYR A 153 14.97 -4.45 4.18
CA TYR A 153 16.41 -4.26 3.85
C TYR A 153 16.62 -3.08 2.93
N GLN A 154 15.55 -2.34 2.61
CA GLN A 154 15.71 -1.17 1.76
C GLN A 154 16.35 -1.48 0.41
N LEU A 155 15.87 -2.53 -0.24
CA LEU A 155 16.39 -2.96 -1.51
C LEU A 155 15.87 -2.14 -2.68
N ASN A 156 16.64 -2.10 -3.75
CA ASN A 156 16.32 -1.32 -4.93
C ASN A 156 15.76 -2.28 -5.92
N SER A 157 14.51 -2.06 -6.36
CA SER A 157 13.82 -3.05 -7.15
C SER A 157 14.49 -3.31 -8.51
N ASP A 158 15.15 -2.29 -9.09
CA ASP A 158 15.95 -2.47 -10.30
C ASP A 158 17.20 -3.32 -10.11
N ASN A 159 17.69 -3.46 -8.88
CA ASN A 159 18.92 -4.21 -8.61
C ASN A 159 18.69 -5.36 -7.67
N THR A 160 17.47 -5.88 -7.69
CA THR A 160 17.07 -7.02 -6.89
C THR A 160 16.52 -8.05 -7.84
N TYR A 161 17.06 -9.26 -7.76
CA TYR A 161 16.82 -10.39 -8.69
C TYR A 161 16.40 -11.64 -7.92
N TYR A 162 15.24 -12.22 -8.28
CA TYR A 162 14.92 -13.57 -7.87
C TYR A 162 15.48 -14.54 -8.90
N ILE A 163 16.26 -15.49 -8.40
CA ILE A 163 17.00 -16.43 -9.23
C ILE A 163 16.40 -17.83 -9.07
N GLY A 164 15.92 -18.40 -10.16
CA GLY A 164 15.23 -19.67 -10.08
C GLY A 164 15.27 -20.42 -11.37
N ASP A 165 14.43 -21.46 -11.44
CA ASP A 165 14.45 -22.37 -12.59
C ASP A 165 13.08 -22.66 -13.18
N ARG A 166 12.03 -22.15 -12.57
CA ARG A 166 10.67 -22.45 -13.01
C ARG A 166 9.94 -21.18 -13.39
N THR A 167 8.88 -21.32 -14.18
CA THR A 167 8.04 -20.20 -14.53
C THR A 167 7.50 -19.49 -13.29
N LEU A 168 7.11 -20.23 -12.24
CA LEU A 168 6.52 -19.61 -11.06
C LEU A 168 7.55 -18.70 -10.38
N ASP A 169 8.85 -18.95 -10.64
CA ASP A 169 9.93 -18.11 -10.08
C ASP A 169 10.01 -16.75 -10.79
N VAL A 170 9.87 -16.77 -12.10
CA VAL A 170 9.76 -15.54 -12.87
C VAL A 170 8.48 -14.75 -12.45
N GLU A 171 7.37 -15.45 -12.31
CA GLU A 171 6.11 -14.80 -11.86
C GLU A 171 6.19 -14.13 -10.50
N PHE A 172 6.94 -14.75 -9.62
CA PHE A 172 7.16 -14.22 -8.28
C PHE A 172 7.87 -12.89 -8.38
N ALA A 173 8.91 -12.83 -9.20
CA ALA A 173 9.63 -11.58 -9.47
C ALA A 173 8.71 -10.50 -10.09
N GLN A 174 8.02 -10.88 -11.14
CA GLN A 174 7.10 -9.99 -11.80
C GLN A 174 6.01 -9.46 -10.82
N ASN A 175 5.43 -10.38 -10.03
CA ASN A 175 4.35 -10.01 -9.10
C ASN A 175 4.84 -9.07 -8.02
N SER A 176 6.13 -9.13 -7.70
CA SER A 176 6.69 -8.30 -6.63
C SER A 176 7.45 -7.05 -7.14
N GLY A 177 7.50 -6.87 -8.45
CA GLY A 177 8.10 -5.68 -9.03
C GLY A 177 9.64 -5.75 -9.09
N ILE A 178 10.21 -6.96 -9.08
CA ILE A 178 11.68 -7.05 -9.05
C ILE A 178 12.16 -7.74 -10.32
N GLN A 179 13.47 -7.84 -10.47
CA GLN A 179 14.06 -8.51 -11.65
C GLN A 179 14.19 -10.01 -11.39
N SER A 180 14.43 -10.74 -12.46
CA SER A 180 14.39 -12.20 -12.50
C SER A 180 15.61 -12.69 -13.27
N ILE A 181 16.30 -13.67 -12.71
CA ILE A 181 17.36 -14.43 -13.43
C ILE A 181 16.88 -15.87 -13.43
N ASN A 182 16.83 -16.53 -14.60
CA ASN A 182 16.12 -17.81 -14.68
C ASN A 182 16.63 -18.63 -15.86
N PHE A 183 16.61 -19.94 -15.66
CA PHE A 183 16.99 -20.85 -16.75
C PHE A 183 16.02 -20.76 -17.93
N LEU A 184 14.79 -20.33 -17.66
CA LEU A 184 13.75 -20.27 -18.66
C LEU A 184 13.64 -18.89 -19.28
N GLU A 185 13.16 -18.89 -20.51
CA GLU A 185 12.83 -17.71 -21.24
C GLU A 185 11.49 -17.20 -20.71
N SER A 186 11.30 -15.89 -20.76
CA SER A 186 10.04 -15.33 -20.38
C SER A 186 9.77 -14.04 -21.15
N THR A 187 8.48 -13.76 -21.35
CA THR A 187 8.09 -12.48 -21.93
C THR A 187 8.23 -11.33 -20.93
N TYR A 188 8.38 -11.63 -19.63
CA TYR A 188 8.65 -10.60 -18.61
C TYR A 188 9.93 -9.82 -18.96
N GLU A 189 9.77 -8.52 -19.12
CA GLU A 189 10.85 -7.60 -19.42
C GLU A 189 12.02 -7.60 -18.43
N GLY A 190 11.78 -7.99 -17.18
CA GLY A 190 12.80 -7.97 -16.14
C GLY A 190 13.47 -9.32 -16.00
N ASN A 191 13.18 -10.25 -16.91
CA ASN A 191 13.84 -11.56 -16.90
C ASN A 191 15.13 -11.55 -17.69
N HIS A 192 16.10 -12.25 -17.13
CA HIS A 192 17.40 -12.43 -17.71
C HIS A 192 17.57 -13.92 -17.73
N ARG A 193 17.54 -14.51 -18.93
CA ARG A 193 17.68 -15.93 -19.10
C ARG A 193 19.18 -16.35 -19.07
N ILE A 194 19.49 -17.39 -18.29
CA ILE A 194 20.82 -17.96 -18.18
C ILE A 194 20.82 -19.41 -18.68
N GLN A 195 21.97 -19.86 -19.17
CA GLN A 195 22.17 -21.28 -19.50
C GLN A 195 22.89 -22.06 -18.41
N ALA A 196 23.57 -21.36 -17.52
CA ALA A 196 24.33 -21.95 -16.42
C ALA A 196 24.46 -20.94 -15.33
N LEU A 197 24.71 -21.39 -14.12
CA LEU A 197 24.95 -20.45 -13.01
C LEU A 197 26.15 -19.50 -13.27
N ALA A 198 27.15 -19.99 -14.02
CA ALA A 198 28.32 -19.20 -14.34
C ALA A 198 28.01 -17.97 -15.21
N ASP A 199 26.84 -17.96 -15.84
CA ASP A 199 26.41 -16.83 -16.66
C ASP A 199 25.98 -15.63 -15.83
N ILE A 200 25.63 -15.85 -14.57
CA ILE A 200 25.06 -14.78 -13.73
C ILE A 200 26.02 -13.60 -13.60
N SER A 201 27.29 -13.88 -13.31
CA SER A 201 28.30 -12.83 -13.12
C SER A 201 28.46 -12.02 -14.37
N ARG A 202 28.35 -12.68 -15.52
CA ARG A 202 28.42 -12.01 -16.83
C ARG A 202 27.31 -10.95 -17.00
N ILE A 203 26.18 -11.12 -16.34
CA ILE A 203 25.10 -10.10 -16.38
C ILE A 203 25.61 -8.75 -15.89
N PHE A 204 26.54 -8.79 -14.93
CA PHE A 204 26.94 -7.59 -14.20
C PHE A 204 28.25 -7.00 -14.68
N GLU A 205 28.55 -7.25 -15.94
CA GLU A 205 29.70 -6.65 -16.58
C GLU A 205 29.36 -6.37 -18.06
N THR A 206 30.14 -5.50 -18.68
CA THR A 206 29.91 -5.16 -20.07
C THR A 206 30.02 -6.44 -20.96
N LYS A 207 29.48 -6.32 -22.17
CA LYS A 207 29.21 -7.46 -23.07
C LYS A 207 30.12 -7.27 -24.29
N LYS B 4 -24.15 -38.08 -0.48
CA LYS B 4 -24.88 -37.04 -1.22
C LYS B 4 -24.21 -35.68 -0.89
N THR B 5 -24.47 -35.11 0.28
CA THR B 5 -24.00 -33.77 0.64
C THR B 5 -22.71 -33.77 1.50
N ALA B 6 -21.78 -32.86 1.19
CA ALA B 6 -20.53 -32.70 1.93
C ALA B 6 -20.44 -31.27 2.41
N PHE B 7 -20.04 -31.06 3.66
CA PHE B 7 -19.60 -29.75 4.16
C PHE B 7 -18.13 -29.76 4.38
N ILE B 8 -17.47 -28.68 3.94
CA ILE B 8 -16.06 -28.44 4.23
C ILE B 8 -16.05 -27.14 5.03
N TRP B 9 -15.51 -27.21 6.22
CA TRP B 9 -15.65 -26.09 7.14
C TRP B 9 -14.39 -25.28 7.33
N ASP B 10 -14.57 -23.95 7.44
CA ASP B 10 -13.64 -23.01 8.07
C ASP B 10 -13.72 -23.16 9.61
N LEU B 11 -12.61 -22.85 10.29
CA LEU B 11 -12.59 -22.83 11.78
C LEU B 11 -12.86 -21.45 12.37
N ASP B 12 -11.88 -20.54 12.39
CA ASP B 12 -12.05 -19.27 13.09
C ASP B 12 -13.20 -18.44 12.52
N GLY B 13 -14.13 -18.04 13.38
CA GLY B 13 -15.22 -17.14 12.99
C GLY B 13 -16.45 -17.90 12.51
N THR B 14 -16.28 -19.22 12.33
CA THR B 14 -17.28 -20.09 11.78
C THR B 14 -17.61 -21.13 12.85
N LEU B 15 -16.72 -22.08 13.11
CA LEU B 15 -16.91 -23.03 14.18
C LEU B 15 -16.23 -22.58 15.47
N LEU B 16 -15.07 -21.91 15.39
CA LEU B 16 -14.26 -21.57 16.56
C LEU B 16 -14.26 -20.10 16.86
N ASP B 17 -14.40 -19.79 18.13
CA ASP B 17 -14.18 -18.41 18.59
C ASP B 17 -12.77 -18.39 19.18
N SER B 18 -11.80 -17.94 18.39
CA SER B 18 -10.40 -17.92 18.77
C SER B 18 -9.90 -16.50 18.99
N TYR B 19 -10.79 -15.53 18.91
CA TYR B 19 -10.47 -14.10 18.98
CA TYR B 19 -10.43 -14.13 18.93
C TYR B 19 -9.57 -13.76 20.16
N GLU B 20 -10.06 -14.01 21.37
CA GLU B 20 -9.26 -13.68 22.54
C GLU B 20 -8.01 -14.55 22.69
N ALA B 21 -8.08 -15.81 22.28
CA ALA B 21 -6.90 -16.67 22.28
C ALA B 21 -5.79 -16.11 21.36
N ILE B 22 -6.18 -15.66 20.17
CA ILE B 22 -5.25 -15.08 19.21
C ILE B 22 -4.62 -13.80 19.76
N LEU B 23 -5.44 -12.91 20.32
CA LEU B 23 -4.89 -11.71 20.92
C LEU B 23 -3.96 -12.00 22.07
N SER B 24 -4.34 -12.95 22.92
CA SER B 24 -3.43 -13.33 24.04
C SER B 24 -2.14 -13.93 23.56
N GLY B 25 -2.21 -14.74 22.52
CA GLY B 25 -1.01 -15.32 21.89
C GLY B 25 -0.07 -14.22 21.39
N ILE B 26 -0.64 -13.21 20.72
CA ILE B 26 0.14 -12.06 20.24
C ILE B 26 0.77 -11.30 21.41
N GLU B 27 0.01 -11.07 22.47
CA GLU B 27 0.55 -10.37 23.64
C GLU B 27 1.77 -11.07 24.18
N GLU B 28 1.68 -12.40 24.24
CA GLU B 28 2.77 -13.24 24.70
C GLU B 28 3.98 -13.16 23.76
N THR B 29 3.74 -13.31 22.45
CA THR B 29 4.77 -13.12 21.46
C THR B 29 5.47 -11.77 21.55
N PHE B 30 4.68 -10.70 21.62
CA PHE B 30 5.22 -9.35 21.72
C PHE B 30 6.10 -9.17 23.01
N ALA B 31 5.59 -9.62 24.15
CA ALA B 31 6.34 -9.56 25.41
C ALA B 31 7.71 -10.22 25.28
N GLN B 32 7.77 -11.34 24.57
CA GLN B 32 9.01 -12.10 24.38
C GLN B 32 10.07 -11.28 23.60
N PHE B 33 9.62 -10.46 22.65
CA PHE B 33 10.54 -9.70 21.81
C PHE B 33 10.55 -8.25 22.19
N SER B 34 10.01 -7.94 23.36
CA SER B 34 9.95 -6.59 23.89
C SER B 34 9.25 -5.57 22.98
N ILE B 35 8.21 -6.02 22.30
CA ILE B 35 7.40 -5.19 21.42
C ILE B 35 6.19 -4.67 22.17
N PRO B 36 6.00 -3.33 22.17
CA PRO B 36 4.84 -2.78 22.89
C PRO B 36 3.51 -3.28 22.35
N TYR B 37 2.63 -3.66 23.28
CA TYR B 37 1.36 -4.29 22.95
C TYR B 37 0.22 -3.40 23.37
N ASP B 38 -0.50 -2.88 22.39
CA ASP B 38 -1.75 -2.17 22.62
C ASP B 38 -2.80 -3.05 21.95
N LYS B 39 -3.66 -3.66 22.77
CA LYS B 39 -4.67 -4.61 22.30
C LYS B 39 -5.58 -4.05 21.22
N GLU B 40 -6.00 -2.82 21.39
CA GLU B 40 -6.95 -2.25 20.47
C GLU B 40 -6.30 -1.97 19.13
N LYS B 41 -5.09 -1.42 19.16
CA LYS B 41 -4.31 -1.19 17.94
C LYS B 41 -4.04 -2.51 17.23
N VAL B 42 -3.74 -3.56 18.01
CA VAL B 42 -3.46 -4.87 17.45
C VAL B 42 -4.77 -5.40 16.79
N ARG B 43 -5.88 -5.33 17.51
CA ARG B 43 -7.19 -5.82 17.03
C ARG B 43 -7.55 -5.12 15.68
N GLU B 44 -7.42 -3.80 15.65
CA GLU B 44 -7.78 -3.01 14.48
C GLU B 44 -6.84 -3.30 13.28
N PHE B 45 -5.54 -3.49 13.56
CA PHE B 45 -4.56 -3.91 12.56
C PHE B 45 -4.90 -5.24 11.93
N ILE B 46 -5.15 -6.25 12.77
CA ILE B 46 -5.46 -7.61 12.36
C ILE B 46 -6.67 -7.61 11.46
N PHE B 47 -7.70 -6.84 11.81
CA PHE B 47 -8.93 -6.76 11.03
C PHE B 47 -8.71 -6.07 9.69
N LYS B 48 -7.96 -4.98 9.66
CA LYS B 48 -7.67 -4.31 8.38
C LYS B 48 -6.72 -5.16 7.46
N TYR B 49 -5.79 -5.87 8.10
CA TYR B 49 -4.78 -6.68 7.42
C TYR B 49 -4.90 -8.17 7.78
N SER B 50 -3.97 -8.69 8.59
CA SER B 50 -4.01 -10.07 9.08
C SER B 50 -2.95 -10.16 10.16
N VAL B 51 -2.95 -11.27 10.90
CA VAL B 51 -1.92 -11.56 11.89
C VAL B 51 -0.54 -11.68 11.21
N GLN B 52 -0.44 -12.39 10.09
CA GLN B 52 0.81 -12.49 9.34
C GLN B 52 1.34 -11.12 9.00
N ASP B 53 0.47 -10.28 8.44
CA ASP B 53 0.84 -8.89 8.13
C ASP B 53 1.35 -8.10 9.31
N LEU B 54 0.77 -8.29 10.49
CA LEU B 54 1.25 -7.66 11.73
C LEU B 54 2.68 -8.06 12.04
N LEU B 55 2.94 -9.37 11.99
CA LEU B 55 4.27 -9.86 12.26
C LEU B 55 5.25 -9.37 11.23
N VAL B 56 4.81 -9.30 9.97
CA VAL B 56 5.66 -8.81 8.88
C VAL B 56 6.10 -7.34 9.13
N ARG B 57 5.13 -6.51 9.48
CA ARG B 57 5.38 -5.10 9.82
CA ARG B 57 5.40 -5.09 9.78
C ARG B 57 6.31 -4.97 11.00
N VAL B 58 6.10 -5.78 12.02
CA VAL B 58 6.98 -5.71 13.18
C VAL B 58 8.41 -6.09 12.80
N ALA B 59 8.53 -7.16 12.01
CA ALA B 59 9.82 -7.66 11.52
C ALA B 59 10.58 -6.58 10.73
N GLU B 60 9.90 -6.00 9.77
CA GLU B 60 10.38 -4.92 8.92
C GLU B 60 10.82 -3.68 9.67
N ASP B 61 10.10 -3.35 10.75
CA ASP B 61 10.29 -2.09 11.42
C ASP B 61 11.20 -2.18 12.60
N ARG B 62 11.26 -3.36 13.24
CA ARG B 62 12.07 -3.61 14.41
C ARG B 62 13.29 -4.48 14.16
N ASN B 63 13.56 -4.84 12.90
CA ASN B 63 14.67 -5.68 12.56
C ASN B 63 14.63 -7.02 13.29
N LEU B 64 13.54 -7.76 13.07
CA LEU B 64 13.39 -9.09 13.60
C LEU B 64 13.10 -10.02 12.42
N ASP B 65 13.41 -11.31 12.54
CA ASP B 65 13.13 -12.27 11.46
C ASP B 65 11.75 -12.78 11.63
N VAL B 66 10.93 -12.56 10.59
CA VAL B 66 9.49 -12.83 10.63
C VAL B 66 9.24 -14.33 10.89
N GLU B 67 10.14 -15.19 10.38
CA GLU B 67 10.00 -16.64 10.55
C GLU B 67 10.10 -17.05 12.02
N VAL B 68 11.01 -16.39 12.76
CA VAL B 68 11.21 -16.58 14.20
C VAL B 68 9.99 -16.06 15.00
N LEU B 69 9.48 -14.90 14.58
CA LEU B 69 8.24 -14.39 15.14
C LEU B 69 7.03 -15.35 14.93
N ASN B 70 6.92 -15.91 13.74
CA ASN B 70 5.84 -16.84 13.41
C ASN B 70 5.93 -18.16 14.21
N GLN B 71 7.14 -18.63 14.46
CA GLN B 71 7.34 -19.80 15.34
C GLN B 71 6.94 -19.57 16.79
N VAL B 72 7.26 -18.39 17.29
CA VAL B 72 6.84 -17.98 18.61
C VAL B 72 5.30 -17.71 18.63
N ARG B 73 4.75 -17.19 17.54
CA ARG B 73 3.33 -17.04 17.40
C ARG B 73 2.62 -18.39 17.49
N ALA B 74 3.03 -19.39 16.68
CA ALA B 74 2.38 -20.72 16.70
C ALA B 74 2.47 -21.34 18.11
N GLN B 75 3.63 -21.20 18.75
CA GLN B 75 3.91 -21.76 20.07
C GLN B 75 3.00 -21.10 21.11
N SER B 76 3.01 -19.77 21.16
CA SER B 76 2.18 -18.99 22.06
C SER B 76 0.68 -19.24 21.92
N LEU B 77 0.23 -19.37 20.67
CA LEU B 77 -1.16 -19.60 20.43
C LEU B 77 -1.61 -20.96 20.92
N ALA B 78 -0.78 -21.98 20.73
CA ALA B 78 -1.05 -23.32 21.20
C ALA B 78 -1.23 -23.33 22.72
N GLU B 79 -0.50 -22.49 23.43
CA GLU B 79 -0.64 -22.39 24.88
C GLU B 79 -1.97 -21.77 25.30
N LYS B 80 -2.70 -21.17 24.36
CA LYS B 80 -3.94 -20.48 24.72
C LYS B 80 -5.18 -21.26 24.36
N ASN B 81 -5.04 -22.56 24.12
CA ASN B 81 -6.22 -23.37 23.71
C ASN B 81 -7.42 -23.36 24.69
N ALA B 82 -7.15 -23.23 25.99
CA ALA B 82 -8.21 -23.13 27.00
C ALA B 82 -9.15 -21.99 26.72
N GLN B 83 -8.67 -20.96 26.03
CA GLN B 83 -9.45 -19.78 25.70
C GLN B 83 -10.24 -19.91 24.37
N VAL B 84 -9.99 -20.95 23.56
CA VAL B 84 -10.78 -21.13 22.33
C VAL B 84 -12.05 -21.86 22.74
N VAL B 85 -13.20 -21.36 22.26
CA VAL B 85 -14.53 -21.92 22.56
C VAL B 85 -15.27 -22.05 21.21
N LEU B 86 -16.35 -22.85 21.17
CA LEU B 86 -17.12 -22.94 19.94
C LEU B 86 -17.89 -21.62 19.73
N MSE B 87 -18.11 -21.23 18.49
CA MSE B 87 -19.07 -20.20 18.15
C MSE B 87 -20.45 -20.69 18.56
O MSE B 87 -20.70 -21.90 18.60
CB MSE B 87 -19.11 -19.95 16.65
CG MSE B 87 -17.82 -19.36 16.07
SE MSE B 87 -17.55 -17.48 16.66
CE MSE B 87 -19.06 -16.58 15.81
N PRO B 88 -21.36 -19.75 18.88
CA PRO B 88 -22.75 -20.07 19.18
C PRO B 88 -23.39 -20.90 18.08
N GLY B 89 -24.07 -21.98 18.46
CA GLY B 89 -24.73 -22.85 17.52
C GLY B 89 -23.80 -23.82 16.81
N ALA B 90 -22.50 -23.82 17.14
CA ALA B 90 -21.54 -24.66 16.38
C ALA B 90 -21.74 -26.14 16.60
N ARG B 91 -21.87 -26.56 17.85
CA ARG B 91 -22.07 -27.98 18.17
C ARG B 91 -23.41 -28.48 17.63
N GLU B 92 -24.42 -27.62 17.77
CA GLU B 92 -25.77 -27.91 17.28
C GLU B 92 -25.82 -28.18 15.76
N VAL B 93 -25.17 -27.32 14.98
CA VAL B 93 -25.18 -27.51 13.53
C VAL B 93 -24.31 -28.71 13.13
N LEU B 94 -23.18 -28.90 13.80
CA LEU B 94 -22.35 -30.08 13.53
C LEU B 94 -23.08 -31.42 13.86
N ALA B 95 -23.76 -31.48 15.00
CA ALA B 95 -24.54 -32.66 15.35
C ALA B 95 -25.68 -32.93 14.34
N TRP B 96 -26.30 -31.85 13.91
CA TRP B 96 -27.39 -31.92 12.96
C TRP B 96 -26.93 -32.45 11.59
N ALA B 97 -25.77 -32.00 11.12
CA ALA B 97 -25.21 -32.46 9.86
C ALA B 97 -24.85 -33.95 9.95
N ASP B 98 -24.19 -34.33 11.04
CA ASP B 98 -23.90 -35.71 11.37
C ASP B 98 -25.18 -36.57 11.32
N GLU B 99 -26.21 -36.10 12.02
CA GLU B 99 -27.46 -36.80 12.09
C GLU B 99 -28.07 -36.89 10.69
N SER B 100 -27.96 -35.83 9.90
CA SER B 100 -28.44 -35.79 8.53
C SER B 100 -27.63 -36.63 7.51
N GLY B 101 -26.50 -37.17 7.93
CA GLY B 101 -25.68 -37.97 7.05
C GLY B 101 -24.74 -37.13 6.21
N ILE B 102 -24.56 -35.86 6.55
CA ILE B 102 -23.66 -35.01 5.77
C ILE B 102 -22.20 -35.39 6.14
N GLN B 103 -21.37 -35.61 5.13
CA GLN B 103 -19.92 -35.80 5.33
C GLN B 103 -19.29 -34.43 5.61
N GLN B 104 -18.49 -34.37 6.68
CA GLN B 104 -17.91 -33.11 7.19
C GLN B 104 -16.40 -33.16 7.19
N PHE B 105 -15.82 -32.11 6.60
CA PHE B 105 -14.37 -31.95 6.45
C PHE B 105 -14.00 -30.60 6.99
N ILE B 106 -12.72 -30.37 7.19
CA ILE B 106 -12.19 -29.04 7.55
C ILE B 106 -11.05 -28.71 6.59
N TYR B 107 -10.99 -27.45 6.16
CA TYR B 107 -9.76 -26.85 5.62
C TYR B 107 -9.49 -25.55 6.36
N THR B 108 -8.38 -25.55 7.09
CA THR B 108 -7.97 -24.43 7.93
C THR B 108 -6.51 -24.04 7.66
N HIS B 109 -6.21 -22.77 7.92
CA HIS B 109 -4.83 -22.28 7.84
C HIS B 109 -4.13 -22.49 9.19
N LYS B 110 -4.84 -22.98 10.21
CA LYS B 110 -4.15 -23.36 11.42
C LYS B 110 -3.32 -24.58 11.14
N GLY B 111 -2.37 -24.85 12.04
CA GLY B 111 -1.53 -26.01 11.88
C GLY B 111 -2.09 -27.20 12.60
N ASN B 112 -1.20 -28.09 13.03
CA ASN B 112 -1.60 -29.31 13.75
C ASN B 112 -2.32 -29.06 15.07
N ASN B 113 -2.07 -27.92 15.71
CA ASN B 113 -2.77 -27.57 16.93
C ASN B 113 -4.32 -27.54 16.74
N ALA B 114 -4.80 -27.42 15.50
CA ALA B 114 -6.22 -27.50 15.19
C ALA B 114 -6.86 -28.81 15.70
N PHE B 115 -6.12 -29.90 15.57
CA PHE B 115 -6.57 -31.22 16.06
C PHE B 115 -6.75 -31.23 17.56
N THR B 116 -5.79 -30.62 18.26
CA THR B 116 -5.79 -30.48 19.72
C THR B 116 -7.01 -29.69 20.22
N ILE B 117 -7.24 -28.52 19.63
CA ILE B 117 -8.43 -27.71 19.90
C ILE B 117 -9.70 -28.54 19.66
N LEU B 118 -9.86 -29.11 18.46
CA LEU B 118 -11.07 -29.87 18.16
C LEU B 118 -11.31 -31.05 19.11
N LYS B 119 -10.26 -31.73 19.50
CA LYS B 119 -10.42 -32.77 20.50
C LYS B 119 -10.76 -32.15 21.88
N ASP B 120 -10.13 -31.04 22.23
CA ASP B 120 -10.44 -30.33 23.50
C ASP B 120 -11.92 -29.98 23.61
N LEU B 121 -12.51 -29.55 22.51
CA LEU B 121 -13.91 -29.14 22.52
C LEU B 121 -14.87 -30.29 22.20
N GLY B 122 -14.38 -31.53 22.08
CA GLY B 122 -15.30 -32.66 21.86
C GLY B 122 -16.00 -32.62 20.51
N VAL B 123 -15.30 -32.15 19.48
CA VAL B 123 -15.91 -32.14 18.14
C VAL B 123 -15.08 -32.78 17.04
N GLU B 124 -13.85 -33.21 17.34
CA GLU B 124 -12.97 -33.71 16.28
C GLU B 124 -13.59 -34.88 15.56
N SER B 125 -14.33 -35.69 16.30
CA SER B 125 -14.86 -36.89 15.75
C SER B 125 -16.02 -36.72 14.75
N TYR B 126 -16.55 -35.52 14.57
CA TYR B 126 -17.54 -35.27 13.48
C TYR B 126 -16.96 -35.35 12.07
N PHE B 127 -15.64 -35.26 11.97
CA PHE B 127 -14.99 -34.90 10.70
C PHE B 127 -14.40 -36.14 10.04
N THR B 128 -14.70 -36.33 8.76
CA THR B 128 -14.20 -37.49 8.03
C THR B 128 -12.69 -37.23 7.73
N GLU B 129 -12.32 -35.99 7.46
CA GLU B 129 -10.94 -35.64 7.22
C GLU B 129 -10.73 -34.14 7.49
N ILE B 130 -9.59 -33.83 8.13
CA ILE B 130 -9.19 -32.48 8.55
C ILE B 130 -7.85 -32.13 7.87
N LEU B 131 -7.88 -31.03 7.11
CA LEU B 131 -6.75 -30.54 6.35
C LEU B 131 -6.34 -29.24 6.98
N THR B 132 -5.06 -29.12 7.33
CA THR B 132 -4.54 -27.92 8.00
C THR B 132 -3.45 -27.30 7.11
N SER B 133 -2.70 -26.35 7.65
CA SER B 133 -1.52 -25.85 6.91
C SER B 133 -0.44 -26.89 6.67
N GLN B 134 -0.51 -28.04 7.34
CA GLN B 134 0.48 -29.09 7.20
C GLN B 134 0.14 -30.03 6.08
N SER B 135 -0.94 -29.72 5.37
CA SER B 135 -1.50 -30.62 4.36
C SER B 135 -0.65 -30.69 3.12
N GLY B 136 0.06 -29.60 2.85
CA GLY B 136 0.89 -29.45 1.64
C GLY B 136 0.22 -28.64 0.54
N PHE B 137 -1.06 -28.32 0.76
CA PHE B 137 -1.81 -27.53 -0.21
C PHE B 137 -1.53 -26.03 -0.05
N VAL B 138 -1.67 -25.30 -1.15
CA VAL B 138 -1.65 -23.85 -1.13
C VAL B 138 -2.85 -23.33 -0.34
N ARG B 139 -2.66 -22.21 0.34
CA ARG B 139 -3.73 -21.65 1.15
C ARG B 139 -4.91 -21.23 0.34
N LYS B 140 -6.05 -21.17 1.03
CA LYS B 140 -7.23 -20.57 0.44
C LYS B 140 -6.81 -19.20 -0.07
N PRO B 141 -7.39 -18.75 -1.17
CA PRO B 141 -8.48 -19.33 -1.94
C PRO B 141 -8.06 -20.26 -3.07
N SER B 142 -6.80 -20.71 -3.06
CA SER B 142 -6.39 -21.74 -3.99
C SER B 142 -7.26 -22.96 -3.80
N PRO B 143 -7.72 -23.57 -4.92
CA PRO B 143 -8.67 -24.70 -4.91
C PRO B 143 -8.16 -26.09 -4.67
N GLU B 144 -6.86 -26.33 -4.65
CA GLU B 144 -6.34 -27.71 -4.69
CA GLU B 144 -6.33 -27.70 -4.66
C GLU B 144 -6.84 -28.61 -3.53
N ALA B 145 -7.03 -28.06 -2.34
CA ALA B 145 -7.49 -28.85 -1.19
C ALA B 145 -8.91 -29.33 -1.41
N ALA B 146 -9.75 -28.47 -2.00
CA ALA B 146 -11.13 -28.83 -2.34
C ALA B 146 -11.17 -29.84 -3.44
N THR B 147 -10.38 -29.66 -4.49
CA THR B 147 -10.36 -30.63 -5.60
C THR B 147 -10.02 -32.03 -5.08
N TYR B 148 -9.05 -32.10 -4.18
CA TYR B 148 -8.62 -33.38 -3.58
C TYR B 148 -9.76 -34.06 -2.85
N LEU B 149 -10.45 -33.30 -2.01
CA LEU B 149 -11.61 -33.82 -1.31
C LEU B 149 -12.75 -34.25 -2.25
N LEU B 150 -13.03 -33.45 -3.25
CA LEU B 150 -14.05 -33.83 -4.23
C LEU B 150 -13.73 -35.16 -4.89
N ASP B 151 -12.48 -35.30 -5.30
CA ASP B 151 -12.07 -36.42 -6.12
C ASP B 151 -11.78 -37.67 -5.32
N LYS B 152 -11.12 -37.54 -4.18
CA LYS B 152 -10.99 -38.68 -3.23
C LYS B 152 -12.36 -39.29 -2.88
N TYR B 153 -13.33 -38.44 -2.57
CA TYR B 153 -14.57 -38.91 -2.03
C TYR B 153 -15.60 -38.97 -3.14
N GLN B 154 -15.16 -38.68 -4.36
CA GLN B 154 -16.03 -38.80 -5.53
C GLN B 154 -17.32 -38.00 -5.30
N LEU B 155 -17.13 -36.78 -4.80
CA LEU B 155 -18.23 -35.87 -4.55
C LEU B 155 -18.62 -35.03 -5.77
N ASN B 156 -19.89 -34.63 -5.75
CA ASN B 156 -20.50 -33.77 -6.73
C ASN B 156 -20.33 -32.37 -6.21
N SER B 157 -19.89 -31.49 -7.10
CA SER B 157 -19.56 -30.10 -6.79
C SER B 157 -20.71 -29.23 -6.27
N ASP B 158 -21.89 -29.37 -6.90
CA ASP B 158 -23.11 -28.66 -6.46
C ASP B 158 -23.70 -29.20 -5.15
N ASN B 159 -23.25 -30.37 -4.72
CA ASN B 159 -23.63 -30.93 -3.44
C ASN B 159 -22.59 -30.75 -2.34
N THR B 160 -21.58 -29.91 -2.58
CA THR B 160 -20.51 -29.69 -1.65
C THR B 160 -20.44 -28.22 -1.30
N TYR B 161 -20.25 -27.91 0.00
CA TYR B 161 -20.41 -26.54 0.50
C TYR B 161 -19.20 -26.19 1.36
N TYR B 162 -18.53 -25.06 1.08
CA TYR B 162 -17.50 -24.54 1.98
C TYR B 162 -18.20 -23.49 2.86
N ILE B 163 -18.12 -23.66 4.17
CA ILE B 163 -18.79 -22.82 5.12
C ILE B 163 -17.74 -21.96 5.85
N GLY B 164 -17.92 -20.64 5.75
CA GLY B 164 -16.98 -19.66 6.25
C GLY B 164 -17.57 -18.32 6.62
N ASP B 165 -16.67 -17.41 7.02
CA ASP B 165 -17.04 -16.10 7.53
C ASP B 165 -16.39 -14.92 6.81
N ARG B 166 -15.44 -15.21 5.94
CA ARG B 166 -14.69 -14.21 5.22
C ARG B 166 -14.74 -14.37 3.71
N THR B 167 -14.30 -13.31 3.03
CA THR B 167 -14.31 -13.21 1.58
C THR B 167 -13.50 -14.30 0.94
N LEU B 168 -12.34 -14.63 1.51
CA LEU B 168 -11.48 -15.66 0.92
C LEU B 168 -12.16 -17.03 0.95
N ASP B 169 -13.09 -17.22 1.88
CA ASP B 169 -13.82 -18.48 2.01
C ASP B 169 -14.76 -18.63 0.79
N VAL B 170 -15.46 -17.56 0.44
CA VAL B 170 -16.30 -17.55 -0.76
C VAL B 170 -15.45 -17.80 -2.02
N GLU B 171 -14.32 -17.11 -2.10
CA GLU B 171 -13.39 -17.23 -3.25
C GLU B 171 -12.85 -18.64 -3.37
N PHE B 172 -12.62 -19.30 -2.24
CA PHE B 172 -12.18 -20.70 -2.23
C PHE B 172 -13.24 -21.58 -2.85
N ALA B 173 -14.49 -21.38 -2.45
CA ALA B 173 -15.61 -22.13 -3.03
C ALA B 173 -15.71 -21.89 -4.52
N GLN B 174 -15.64 -20.63 -4.89
CA GLN B 174 -15.76 -20.26 -6.27
C GLN B 174 -14.63 -20.87 -7.12
N ASN B 175 -13.39 -20.74 -6.67
CA ASN B 175 -12.24 -21.25 -7.39
C ASN B 175 -12.33 -22.76 -7.55
N SER B 176 -12.96 -23.46 -6.60
CA SER B 176 -13.04 -24.92 -6.62
C SER B 176 -14.32 -25.45 -7.24
N GLY B 177 -15.21 -24.52 -7.65
CA GLY B 177 -16.46 -24.87 -8.32
C GLY B 177 -17.50 -25.42 -7.40
N ILE B 178 -17.37 -25.11 -6.09
CA ILE B 178 -18.32 -25.63 -5.11
C ILE B 178 -19.22 -24.54 -4.55
N GLN B 179 -20.21 -24.97 -3.79
CA GLN B 179 -21.10 -24.02 -3.20
C GLN B 179 -20.42 -23.37 -2.00
N SER B 180 -20.96 -22.21 -1.61
CA SER B 180 -20.47 -21.47 -0.49
C SER B 180 -21.61 -21.19 0.45
N ILE B 181 -21.35 -21.37 1.73
CA ILE B 181 -22.26 -20.89 2.78
C ILE B 181 -21.44 -19.93 3.60
N ASN B 182 -21.89 -18.70 3.75
CA ASN B 182 -21.09 -17.66 4.41
C ASN B 182 -22.01 -16.66 5.10
N PHE B 183 -21.48 -16.03 6.16
CA PHE B 183 -22.12 -14.85 6.80
C PHE B 183 -22.13 -13.62 5.90
N LEU B 184 -21.20 -13.53 4.95
CA LEU B 184 -21.15 -12.40 4.02
C LEU B 184 -22.01 -12.63 2.77
N GLU B 185 -22.55 -11.55 2.23
CA GLU B 185 -23.16 -11.58 0.92
C GLU B 185 -22.04 -11.59 -0.14
N SER B 186 -22.37 -12.07 -1.32
CA SER B 186 -21.41 -12.19 -2.39
C SER B 186 -22.13 -12.23 -3.72
N THR B 187 -21.44 -11.78 -4.76
CA THR B 187 -21.96 -11.86 -6.12
C THR B 187 -21.82 -13.26 -6.73
N TYR B 188 -20.97 -14.11 -6.11
CA TYR B 188 -20.92 -15.52 -6.45
C TYR B 188 -22.31 -16.15 -6.36
N GLU B 189 -22.72 -16.74 -7.47
CA GLU B 189 -24.02 -17.38 -7.59
C GLU B 189 -24.15 -18.62 -6.71
N GLY B 190 -23.01 -19.18 -6.32
CA GLY B 190 -23.01 -20.34 -5.49
C GLY B 190 -22.99 -20.01 -4.02
N ASN B 191 -23.12 -18.74 -3.64
CA ASN B 191 -23.13 -18.34 -2.22
C ASN B 191 -24.52 -18.36 -1.62
N HIS B 192 -24.61 -18.83 -0.38
CA HIS B 192 -25.85 -18.92 0.38
C HIS B 192 -25.56 -18.15 1.64
N ARG B 193 -26.19 -16.99 1.83
CA ARG B 193 -25.84 -16.11 2.94
C ARG B 193 -26.57 -16.52 4.20
N ILE B 194 -25.86 -16.60 5.31
CA ILE B 194 -26.51 -16.93 6.57
C ILE B 194 -26.32 -15.82 7.60
N GLN B 195 -27.30 -15.66 8.49
CA GLN B 195 -27.14 -14.74 9.63
C GLN B 195 -26.63 -15.44 10.88
N ALA B 196 -27.00 -16.73 11.01
CA ALA B 196 -26.63 -17.54 12.16
C ALA B 196 -26.33 -18.98 11.69
N LEU B 197 -25.45 -19.71 12.39
CA LEU B 197 -25.19 -21.10 12.09
C LEU B 197 -26.46 -21.94 11.97
N ALA B 198 -27.44 -21.66 12.82
CA ALA B 198 -28.74 -22.34 12.76
C ALA B 198 -29.43 -22.25 11.37
N ASP B 199 -29.15 -21.17 10.64
CA ASP B 199 -29.72 -20.96 9.31
C ASP B 199 -29.25 -22.00 8.30
N ILE B 200 -28.15 -22.68 8.60
CA ILE B 200 -27.61 -23.74 7.72
C ILE B 200 -28.60 -24.89 7.51
N SER B 201 -29.23 -25.36 8.58
CA SER B 201 -30.16 -26.46 8.44
C SER B 201 -31.39 -26.03 7.65
N ARG B 202 -31.71 -24.74 7.70
CA ARG B 202 -32.83 -24.18 6.95
C ARG B 202 -32.59 -24.29 5.45
N ILE B 203 -31.35 -24.08 4.99
CA ILE B 203 -30.98 -24.25 3.56
C ILE B 203 -31.42 -25.62 3.01
N PHE B 204 -31.32 -26.65 3.86
CA PHE B 204 -31.67 -28.03 3.47
C PHE B 204 -33.04 -28.50 4.00
N GLU B 205 -33.69 -27.65 4.81
CA GLU B 205 -35.09 -27.79 5.31
C GLU B 205 -35.24 -28.67 6.60
N GLY C 1 -29.93 3.37 -15.86
CA GLY C 1 -30.43 4.78 -15.75
C GLY C 1 -29.34 5.80 -15.43
N MSE C 2 -29.75 7.06 -15.28
CA MSE C 2 -28.82 8.21 -15.04
C MSE C 2 -28.46 8.51 -13.56
O MSE C 2 -27.70 9.43 -13.31
CB MSE C 2 -29.38 9.48 -15.69
N GLN C 3 -28.98 7.72 -12.60
CA GLN C 3 -28.77 7.95 -11.14
C GLN C 3 -27.56 7.16 -10.55
N LYS C 4 -26.41 7.80 -10.39
CA LYS C 4 -25.20 7.09 -9.93
C LYS C 4 -25.05 7.02 -8.39
N THR C 5 -24.53 5.90 -7.87
CA THR C 5 -23.84 5.94 -6.61
C THR C 5 -22.37 6.14 -7.01
N ALA C 6 -21.62 6.86 -6.20
CA ALA C 6 -20.25 7.17 -6.56
C ALA C 6 -19.31 7.05 -5.36
N PHE C 7 -18.14 6.44 -5.61
CA PHE C 7 -17.04 6.40 -4.63
C PHE C 7 -15.94 7.33 -5.13
N ILE C 8 -15.47 8.18 -4.22
CA ILE C 8 -14.22 8.95 -4.41
C ILE C 8 -13.21 8.44 -3.37
N TRP C 9 -12.09 7.94 -3.84
CA TRP C 9 -11.15 7.23 -3.02
C TRP C 9 -9.94 8.06 -2.59
N ASP C 10 -9.53 7.85 -1.33
CA ASP C 10 -8.16 8.09 -0.87
C ASP C 10 -7.27 6.90 -1.29
N LEU C 11 -5.97 7.19 -1.44
CA LEU C 11 -4.93 6.21 -1.77
C LEU C 11 -4.19 5.67 -0.54
N ASP C 12 -3.26 6.43 0.02
CA ASP C 12 -2.43 5.95 1.14
C ASP C 12 -3.25 5.56 2.37
N GLY C 13 -3.11 4.31 2.80
CA GLY C 13 -3.80 3.81 3.98
C GLY C 13 -5.23 3.42 3.76
N THR C 14 -5.70 3.57 2.51
CA THR C 14 -7.06 3.18 2.09
C THR C 14 -7.03 2.13 0.97
N LEU C 15 -6.81 2.52 -0.29
CA LEU C 15 -6.60 1.56 -1.36
C LEU C 15 -5.17 0.98 -1.42
N LEU C 16 -4.18 1.78 -1.03
CA LEU C 16 -2.76 1.47 -1.17
C LEU C 16 -2.09 1.24 0.19
N ASP C 17 -1.47 0.09 0.32
CA ASP C 17 -0.59 -0.18 1.44
C ASP C 17 0.78 0.43 1.09
N SER C 18 0.99 1.71 1.40
CA SER C 18 2.22 2.44 1.05
C SER C 18 3.13 2.88 2.22
N TYR C 19 2.77 2.52 3.42
CA TYR C 19 3.48 2.85 4.67
C TYR C 19 5.01 2.65 4.50
N GLU C 20 5.42 1.47 4.09
CA GLU C 20 6.85 1.19 4.00
C GLU C 20 7.53 1.91 2.86
N ALA C 21 6.84 2.11 1.73
CA ALA C 21 7.42 2.91 0.64
C ALA C 21 7.62 4.34 1.11
N ILE C 22 6.68 4.86 1.89
CA ILE C 22 6.79 6.23 2.37
C ILE C 22 8.03 6.35 3.27
N LEU C 23 8.17 5.44 4.21
CA LEU C 23 9.35 5.41 5.07
C LEU C 23 10.65 5.32 4.26
N SER C 24 10.64 4.54 3.19
CA SER C 24 11.83 4.35 2.35
C SER C 24 12.23 5.62 1.64
N GLY C 25 11.22 6.38 1.20
CA GLY C 25 11.42 7.70 0.65
C GLY C 25 12.06 8.64 1.65
N ILE C 26 11.58 8.62 2.90
CA ILE C 26 12.11 9.45 3.95
C ILE C 26 13.54 9.03 4.25
N GLU C 27 13.76 7.72 4.31
CA GLU C 27 15.07 7.21 4.62
C GLU C 27 16.12 7.67 3.60
N GLU C 28 15.81 7.52 2.30
CA GLU C 28 16.69 7.94 1.22
C GLU C 28 16.91 9.47 1.28
N THR C 29 15.86 10.23 1.57
CA THR C 29 16.01 11.69 1.73
C THR C 29 16.97 12.04 2.87
N PHE C 30 16.77 11.41 4.03
CA PHE C 30 17.64 11.64 5.17
C PHE C 30 19.10 11.31 4.85
N ALA C 31 19.32 10.22 4.12
CA ALA C 31 20.65 9.82 3.71
C ALA C 31 21.26 10.92 2.86
N GLN C 32 20.48 11.48 1.95
CA GLN C 32 20.99 12.49 1.03
C GLN C 32 21.40 13.74 1.78
N PHE C 33 20.71 14.08 2.87
CA PHE C 33 21.08 15.23 3.70
C PHE C 33 21.85 14.87 4.97
N SER C 34 22.36 13.65 5.04
CA SER C 34 23.11 13.18 6.22
C SER C 34 22.36 13.34 7.55
N ILE C 35 21.04 13.12 7.53
CA ILE C 35 20.21 13.13 8.77
C ILE C 35 20.11 11.70 9.31
N PRO C 36 20.51 11.48 10.57
CA PRO C 36 20.36 10.11 11.12
C PRO C 36 18.91 9.63 11.11
N TYR C 37 18.70 8.38 10.71
CA TYR C 37 17.35 7.87 10.49
C TYR C 37 17.08 6.78 11.50
N ASP C 38 16.13 7.04 12.39
CA ASP C 38 15.67 6.06 13.36
C ASP C 38 14.29 5.65 12.85
N LYS C 39 14.20 4.47 12.24
CA LYS C 39 12.98 4.04 11.55
C LYS C 39 11.72 4.09 12.46
N GLU C 40 11.87 3.62 13.69
CA GLU C 40 10.82 3.59 14.69
C GLU C 40 10.28 4.96 15.10
N LYS C 41 11.17 5.88 15.46
CA LYS C 41 10.82 7.24 15.76
C LYS C 41 10.15 7.92 14.56
N VAL C 42 10.73 7.78 13.37
CA VAL C 42 10.17 8.38 12.18
C VAL C 42 8.71 7.89 11.98
N ARG C 43 8.50 6.59 11.99
CA ARG C 43 7.17 6.07 11.65
C ARG C 43 6.06 6.47 12.67
N GLU C 44 6.47 6.62 13.92
CA GLU C 44 5.54 7.03 14.92
C GLU C 44 5.30 8.53 14.78
N PHE C 45 6.37 9.30 14.55
CA PHE C 45 6.22 10.71 14.29
C PHE C 45 5.27 10.95 13.10
N ILE C 46 5.42 10.25 11.98
CA ILE C 46 4.55 10.52 10.82
C ILE C 46 3.10 9.98 10.99
N PHE C 47 2.91 9.01 11.88
CA PHE C 47 1.60 8.50 12.35
CA PHE C 47 1.54 8.59 12.16
C PHE C 47 0.86 9.55 13.17
N LYS C 48 1.61 10.18 14.07
CA LYS C 48 1.07 11.26 14.90
C LYS C 48 0.87 12.57 14.11
N TYR C 49 1.79 12.87 13.18
CA TYR C 49 1.74 14.17 12.55
C TYR C 49 1.57 13.96 11.04
N SER C 50 2.55 14.43 10.27
CA SER C 50 2.50 14.29 8.81
C SER C 50 3.93 14.20 8.31
N VAL C 51 4.09 13.74 7.07
CA VAL C 51 5.43 13.75 6.45
C VAL C 51 5.94 15.21 6.37
N GLN C 52 5.07 16.16 5.98
CA GLN C 52 5.47 17.55 5.85
C GLN C 52 5.92 18.13 7.20
N ASP C 53 5.18 17.85 8.27
CA ASP C 53 5.62 18.23 9.63
C ASP C 53 7.02 17.74 9.96
N LEU C 54 7.35 16.50 9.51
CA LEU C 54 8.67 15.90 9.74
C LEU C 54 9.74 16.67 9.02
N LEU C 55 9.49 17.00 7.77
CA LEU C 55 10.44 17.70 6.97
C LEU C 55 10.61 19.09 7.50
N VAL C 56 9.54 19.67 8.06
CA VAL C 56 9.61 20.98 8.69
C VAL C 56 10.50 20.95 9.95
N ARG C 57 10.22 19.96 10.80
CA ARG C 57 10.97 19.74 12.03
C ARG C 57 12.49 19.61 11.76
N VAL C 58 12.87 18.83 10.75
CA VAL C 58 14.30 18.67 10.44
C VAL C 58 14.90 19.90 9.76
N ALA C 59 14.10 20.61 8.97
CA ALA C 59 14.53 21.83 8.32
C ALA C 59 14.82 22.93 9.34
N GLU C 60 13.91 23.06 10.30
CA GLU C 60 14.07 23.99 11.41
C GLU C 60 15.28 23.65 12.27
N ASP C 61 15.42 22.37 12.60
CA ASP C 61 16.48 21.95 13.52
C ASP C 61 17.84 21.90 12.86
N ARG C 62 17.91 21.60 11.56
CA ARG C 62 19.21 21.39 10.93
C ARG C 62 19.59 22.46 9.93
N ASN C 63 18.80 23.54 9.90
CA ASN C 63 18.97 24.65 8.95
C ASN C 63 19.00 24.17 7.52
N LEU C 64 17.91 23.53 7.11
CA LEU C 64 17.77 22.98 5.76
C LEU C 64 16.54 23.62 5.11
N ASP C 65 16.53 23.66 3.79
CA ASP C 65 15.39 24.18 3.06
C ASP C 65 14.30 23.11 2.88
N VAL C 66 13.13 23.36 3.47
CA VAL C 66 12.08 22.33 3.50
C VAL C 66 11.60 21.95 2.10
N GLU C 67 11.61 22.92 1.18
CA GLU C 67 11.15 22.68 -0.19
C GLU C 67 12.10 21.74 -0.96
N VAL C 68 13.39 21.92 -0.73
CA VAL C 68 14.38 21.02 -1.32
C VAL C 68 14.22 19.62 -0.73
N LEU C 69 14.07 19.54 0.59
CA LEU C 69 13.76 18.27 1.28
C LEU C 69 12.50 17.62 0.68
N ASN C 70 11.47 18.42 0.42
CA ASN C 70 10.25 17.92 -0.18
C ASN C 70 10.43 17.41 -1.63
N GLN C 71 11.29 18.06 -2.41
CA GLN C 71 11.58 17.61 -3.78
C GLN C 71 12.37 16.30 -3.82
N VAL C 72 13.35 16.16 -2.93
CA VAL C 72 14.11 14.93 -2.81
C VAL C 72 13.20 13.78 -2.32
N ARG C 73 12.31 14.08 -1.37
CA ARG C 73 11.38 13.11 -0.92
C ARG C 73 10.57 12.56 -2.07
N ALA C 74 9.99 13.46 -2.88
CA ALA C 74 9.09 13.04 -3.98
C ALA C 74 9.82 12.17 -4.98
N GLN C 75 11.04 12.54 -5.31
CA GLN C 75 11.81 11.81 -6.30
C GLN C 75 12.24 10.47 -5.70
N SER C 76 12.69 10.48 -4.44
CA SER C 76 13.01 9.23 -3.77
C SER C 76 11.82 8.29 -3.69
N LEU C 77 10.65 8.81 -3.33
CA LEU C 77 9.46 7.97 -3.18
C LEU C 77 9.00 7.31 -4.51
N ALA C 78 9.15 8.05 -5.60
CA ALA C 78 8.84 7.57 -6.95
C ALA C 78 9.68 6.37 -7.39
N GLU C 79 10.79 6.11 -6.67
CA GLU C 79 11.67 4.97 -6.89
C GLU C 79 11.27 3.73 -6.06
N LYS C 80 10.30 3.88 -5.18
CA LYS C 80 9.91 2.81 -4.27
C LYS C 80 8.55 2.20 -4.60
N ASN C 81 8.09 2.37 -5.84
CA ASN C 81 6.77 1.84 -6.22
C ASN C 81 6.57 0.36 -6.04
N ALA C 82 7.66 -0.41 -6.14
CA ALA C 82 7.59 -1.86 -6.00
C ALA C 82 7.16 -2.24 -4.59
N GLN C 83 7.41 -1.32 -3.65
CA GLN C 83 7.01 -1.55 -2.26
C GLN C 83 5.56 -1.16 -1.99
N VAL C 84 4.91 -0.49 -2.94
CA VAL C 84 3.50 -0.14 -2.81
C VAL C 84 2.66 -1.28 -3.38
N VAL C 85 1.78 -1.81 -2.53
CA VAL C 85 0.88 -2.87 -2.90
C VAL C 85 -0.58 -2.46 -2.57
N LEU C 86 -1.54 -3.11 -3.18
CA LEU C 86 -2.92 -2.90 -2.80
C LEU C 86 -3.18 -3.34 -1.36
N MSE C 87 -3.99 -2.57 -0.68
CA MSE C 87 -4.52 -2.93 0.62
C MSE C 87 -5.26 -4.24 0.53
O MSE C 87 -5.87 -4.50 -0.50
CB MSE C 87 -5.49 -1.83 1.06
CG MSE C 87 -5.86 -1.87 2.49
SE MSE C 87 -4.33 -1.65 3.69
CE MSE C 87 -3.96 0.20 3.33
N PRO C 88 -5.18 -5.09 1.56
CA PRO C 88 -6.01 -6.28 1.53
C PRO C 88 -7.50 -5.92 1.36
N GLY C 89 -8.15 -6.61 0.44
CA GLY C 89 -9.52 -6.37 0.16
C GLY C 89 -9.77 -5.36 -0.93
N ALA C 90 -8.75 -4.61 -1.35
CA ALA C 90 -8.94 -3.54 -2.35
C ALA C 90 -9.44 -4.07 -3.66
N ARG C 91 -8.80 -5.11 -4.12
CA ARG C 91 -9.15 -5.68 -5.39
C ARG C 91 -10.61 -6.14 -5.48
N GLU C 92 -11.07 -6.80 -4.43
CA GLU C 92 -12.46 -7.25 -4.36
C GLU C 92 -13.47 -6.09 -4.30
N VAL C 93 -13.17 -5.04 -3.54
CA VAL C 93 -14.08 -3.90 -3.43
C VAL C 93 -14.15 -3.10 -4.75
N LEU C 94 -13.01 -2.94 -5.40
CA LEU C 94 -12.95 -2.25 -6.69
C LEU C 94 -13.75 -2.97 -7.74
N ALA C 95 -13.62 -4.31 -7.80
CA ALA C 95 -14.32 -5.14 -8.78
C ALA C 95 -15.81 -5.16 -8.55
N TRP C 96 -16.19 -5.29 -7.28
CA TRP C 96 -17.57 -5.21 -6.83
C TRP C 96 -18.26 -3.87 -7.21
N ALA C 97 -17.57 -2.79 -6.92
CA ALA C 97 -18.04 -1.46 -7.22
C ALA C 97 -18.22 -1.29 -8.71
N ASP C 98 -17.26 -1.78 -9.48
CA ASP C 98 -17.36 -1.76 -10.92
C ASP C 98 -18.57 -2.53 -11.41
N GLU C 99 -18.69 -3.78 -10.95
CA GLU C 99 -19.80 -4.68 -11.29
C GLU C 99 -21.15 -4.08 -10.90
N SER C 100 -21.18 -3.35 -9.79
CA SER C 100 -22.40 -2.72 -9.29
C SER C 100 -22.77 -1.41 -9.99
N GLY C 101 -21.94 -0.97 -10.94
CA GLY C 101 -22.12 0.31 -11.63
C GLY C 101 -21.91 1.53 -10.75
N ILE C 102 -21.15 1.38 -9.67
CA ILE C 102 -20.70 2.52 -8.85
C ILE C 102 -19.60 3.26 -9.62
N GLN C 103 -19.80 4.54 -9.87
CA GLN C 103 -18.76 5.34 -10.55
C GLN C 103 -17.64 5.62 -9.54
N GLN C 104 -16.37 5.43 -9.96
CA GLN C 104 -15.23 5.55 -9.04
C GLN C 104 -14.24 6.61 -9.50
N PHE C 105 -13.79 7.42 -8.54
CA PHE C 105 -12.79 8.49 -8.72
C PHE C 105 -11.76 8.42 -7.59
N ILE C 106 -10.68 9.18 -7.76
CA ILE C 106 -9.65 9.34 -6.73
C ILE C 106 -9.44 10.84 -6.46
N TYR C 107 -9.31 11.26 -5.20
CA TYR C 107 -8.61 12.51 -4.86
C TYR C 107 -7.50 12.21 -3.86
N THR C 108 -6.27 12.41 -4.31
CA THR C 108 -5.05 12.10 -3.54
C THR C 108 -4.13 13.34 -3.46
N HIS C 109 -3.39 13.45 -2.36
CA HIS C 109 -2.32 14.45 -2.18
C HIS C 109 -1.00 14.07 -2.86
N LYS C 110 -0.89 12.82 -3.31
CA LYS C 110 0.22 12.40 -4.13
C LYS C 110 0.23 13.13 -5.46
N GLY C 111 1.39 13.11 -6.14
CA GLY C 111 1.57 13.70 -7.46
C GLY C 111 1.39 12.71 -8.60
N ASN C 112 2.01 12.99 -9.75
CA ASN C 112 1.77 12.21 -10.97
C ASN C 112 2.21 10.74 -10.86
N ASN C 113 3.08 10.43 -9.89
CA ASN C 113 3.47 9.07 -9.63
C ASN C 113 2.28 8.16 -9.22
N ALA C 114 1.26 8.74 -8.61
CA ALA C 114 -0.01 8.03 -8.38
C ALA C 114 -0.48 7.27 -9.64
N PHE C 115 -0.37 7.89 -10.81
CA PHE C 115 -0.78 7.23 -12.04
C PHE C 115 0.09 6.01 -12.32
N THR C 116 1.39 6.14 -12.06
CA THR C 116 2.33 5.09 -12.31
C THR C 116 2.06 3.86 -11.42
N ILE C 117 1.80 4.11 -10.14
CA ILE C 117 1.46 3.07 -9.18
C ILE C 117 0.18 2.33 -9.58
N LEU C 118 -0.87 3.11 -9.86
CA LEU C 118 -2.18 2.57 -10.20
C LEU C 118 -2.11 1.68 -11.41
N LYS C 119 -1.32 2.10 -12.40
CA LYS C 119 -1.05 1.29 -13.59
C LYS C 119 -0.19 0.00 -13.27
N ASP C 120 0.90 0.16 -12.51
CA ASP C 120 1.71 -0.96 -12.01
C ASP C 120 0.83 -2.00 -11.32
N LEU C 121 -0.16 -1.53 -10.56
CA LEU C 121 -1.01 -2.43 -9.75
C LEU C 121 -2.27 -2.97 -10.48
N GLY C 122 -2.44 -2.51 -11.72
CA GLY C 122 -3.46 -3.05 -12.63
C GLY C 122 -4.84 -2.53 -12.31
N VAL C 123 -4.94 -1.38 -11.64
CA VAL C 123 -6.25 -0.88 -11.21
C VAL C 123 -6.66 0.49 -11.76
N GLU C 124 -5.78 1.15 -12.53
CA GLU C 124 -6.01 2.50 -12.99
C GLU C 124 -7.32 2.62 -13.78
N SER C 125 -7.64 1.61 -14.55
CA SER C 125 -8.78 1.69 -15.44
C SER C 125 -10.13 1.55 -14.72
N TYR C 126 -10.15 1.33 -13.40
CA TYR C 126 -11.42 1.39 -12.65
C TYR C 126 -12.01 2.79 -12.55
N PHE C 127 -11.16 3.80 -12.65
CA PHE C 127 -11.48 5.17 -12.22
C PHE C 127 -11.82 6.08 -13.40
N THR C 128 -12.91 6.82 -13.27
CA THR C 128 -13.40 7.69 -14.37
C THR C 128 -12.51 8.94 -14.49
N GLU C 129 -12.05 9.43 -13.34
CA GLU C 129 -11.13 10.58 -13.29
C GLU C 129 -10.34 10.48 -12.00
N ILE C 130 -9.05 10.81 -12.11
CA ILE C 130 -8.09 10.72 -11.01
C ILE C 130 -7.49 12.11 -10.81
N LEU C 131 -7.74 12.68 -9.63
CA LEU C 131 -7.26 14.01 -9.29
C LEU C 131 -6.15 13.83 -8.25
N THR C 132 -4.99 14.41 -8.58
CA THR C 132 -3.80 14.41 -7.74
C THR C 132 -3.41 15.86 -7.33
N SER C 133 -2.22 16.00 -6.75
CA SER C 133 -1.73 17.31 -6.29
C SER C 133 -1.53 18.30 -7.41
N GLN C 134 -1.40 17.78 -8.63
CA GLN C 134 -1.25 18.57 -9.85
C GLN C 134 -2.58 19.03 -10.44
N SER C 135 -3.71 18.66 -9.79
CA SER C 135 -5.07 19.04 -10.22
C SER C 135 -5.33 20.54 -10.22
N GLY C 136 -4.62 21.23 -9.31
CA GLY C 136 -4.76 22.62 -9.05
C GLY C 136 -5.75 22.89 -7.95
N PHE C 137 -6.32 21.85 -7.35
CA PHE C 137 -7.26 22.05 -6.24
C PHE C 137 -6.52 22.20 -4.89
N VAL C 138 -7.14 22.92 -3.95
CA VAL C 138 -6.60 23.00 -2.61
C VAL C 138 -6.73 21.61 -2.00
N ARG C 139 -5.75 21.26 -1.16
CA ARG C 139 -5.72 20.01 -0.42
C ARG C 139 -6.97 19.78 0.42
N LYS C 140 -7.30 18.49 0.58
CA LYS C 140 -8.29 18.09 1.60
C LYS C 140 -7.90 18.75 2.93
N PRO C 141 -8.89 19.15 3.73
CA PRO C 141 -10.34 18.97 3.59
C PRO C 141 -11.09 20.08 2.78
N SER C 142 -10.38 20.91 2.03
CA SER C 142 -11.06 21.89 1.18
C SER C 142 -11.96 21.16 0.18
N PRO C 143 -13.25 21.55 0.10
CA PRO C 143 -14.24 20.84 -0.71
C PRO C 143 -14.09 20.95 -2.22
N GLU C 144 -13.29 21.91 -2.71
CA GLU C 144 -13.12 22.25 -4.13
CA GLU C 144 -13.29 22.24 -4.14
C GLU C 144 -13.22 21.03 -5.09
N ALA C 145 -12.35 20.06 -4.84
CA ALA C 145 -12.24 18.90 -5.76
C ALA C 145 -13.56 18.09 -5.86
N ALA C 146 -14.24 17.95 -4.71
CA ALA C 146 -15.46 17.15 -4.63
C ALA C 146 -16.58 17.83 -5.40
N THR C 147 -16.74 19.14 -5.13
CA THR C 147 -17.70 20.03 -5.86
C THR C 147 -17.56 19.94 -7.39
N TYR C 148 -16.32 19.94 -7.89
CA TYR C 148 -16.06 19.74 -9.31
C TYR C 148 -16.60 18.40 -9.81
N LEU C 149 -16.20 17.33 -9.14
CA LEU C 149 -16.66 16.01 -9.50
C LEU C 149 -18.17 15.91 -9.42
N LEU C 150 -18.78 16.46 -8.36
CA LEU C 150 -20.25 16.41 -8.25
C LEU C 150 -20.93 17.10 -9.43
N ASP C 151 -20.45 18.32 -9.72
CA ASP C 151 -21.03 19.13 -10.77
C ASP C 151 -20.76 18.56 -12.16
N LYS C 152 -19.52 18.17 -12.45
CA LYS C 152 -19.17 17.62 -13.78
C LYS C 152 -19.97 16.35 -14.10
N TYR C 153 -20.09 15.48 -13.11
CA TYR C 153 -20.71 14.19 -13.30
C TYR C 153 -22.16 14.14 -12.81
N GLN C 154 -22.69 15.30 -12.44
CA GLN C 154 -24.07 15.41 -12.00
C GLN C 154 -24.37 14.33 -10.99
N LEU C 155 -23.52 14.23 -9.98
CA LEU C 155 -23.65 13.23 -8.95
C LEU C 155 -24.67 13.68 -7.89
N ASN C 156 -25.24 12.70 -7.19
CA ASN C 156 -26.12 12.93 -6.05
C ASN C 156 -25.27 12.83 -4.78
N SER C 157 -25.22 13.89 -4.00
CA SER C 157 -24.39 13.95 -2.80
C SER C 157 -24.84 12.98 -1.67
N ASP C 158 -26.09 12.54 -1.75
CA ASP C 158 -26.63 11.56 -0.79
C ASP C 158 -25.98 10.20 -1.08
N ASN C 159 -25.66 9.99 -2.36
CA ASN C 159 -25.17 8.74 -2.89
C ASN C 159 -23.74 8.87 -3.36
N THR C 160 -22.99 9.77 -2.73
CA THR C 160 -21.57 9.95 -3.05
C THR C 160 -20.77 9.83 -1.76
N TYR C 161 -19.70 9.03 -1.83
CA TYR C 161 -18.93 8.62 -0.66
C TYR C 161 -17.45 8.88 -0.86
N TYR C 162 -16.82 9.61 0.07
CA TYR C 162 -15.36 9.70 0.18
C TYR C 162 -14.84 8.66 1.18
N ILE C 163 -14.00 7.76 0.63
CA ILE C 163 -13.47 6.62 1.33
C ILE C 163 -12.02 6.90 1.70
N GLY C 164 -11.76 6.94 3.01
CA GLY C 164 -10.45 7.28 3.53
C GLY C 164 -10.10 6.60 4.84
N ASP C 165 -8.96 7.00 5.38
CA ASP C 165 -8.42 6.49 6.63
C ASP C 165 -8.05 7.58 7.64
N ARG C 166 -8.17 8.85 7.30
CA ARG C 166 -7.83 9.91 8.24
C ARG C 166 -9.00 10.84 8.50
N THR C 167 -8.89 11.58 9.60
CA THR C 167 -9.95 12.46 9.99
C THR C 167 -10.15 13.58 8.93
N LEU C 168 -9.07 14.02 8.27
CA LEU C 168 -9.18 15.06 7.23
C LEU C 168 -9.95 14.55 6.01
N ASP C 169 -10.01 13.23 5.85
CA ASP C 169 -10.87 12.61 4.86
C ASP C 169 -12.36 12.74 5.24
N VAL C 170 -12.69 12.56 6.52
CA VAL C 170 -14.07 12.71 6.97
C VAL C 170 -14.47 14.18 6.80
N GLU C 171 -13.54 15.07 7.15
CA GLU C 171 -13.78 16.50 7.04
C GLU C 171 -13.92 16.97 5.60
N PHE C 172 -13.17 16.37 4.68
CA PHE C 172 -13.36 16.64 3.25
C PHE C 172 -14.81 16.35 2.77
N ALA C 173 -15.34 15.18 3.14
CA ALA C 173 -16.70 14.74 2.85
C ALA C 173 -17.74 15.72 3.43
N GLN C 174 -17.61 16.01 4.70
CA GLN C 174 -18.48 16.97 5.39
C GLN C 174 -18.48 18.38 4.78
N ASN C 175 -17.29 18.89 4.48
CA ASN C 175 -17.16 20.20 3.79
C ASN C 175 -17.79 20.23 2.40
N SER C 176 -17.80 19.09 1.70
CA SER C 176 -18.38 19.02 0.35
C SER C 176 -19.87 18.61 0.36
N GLY C 177 -20.40 18.25 1.53
CA GLY C 177 -21.78 17.78 1.68
C GLY C 177 -22.03 16.36 1.15
N ILE C 178 -20.99 15.51 1.18
CA ILE C 178 -21.12 14.13 0.72
C ILE C 178 -20.92 13.14 1.88
N GLN C 179 -21.15 11.87 1.61
CA GLN C 179 -20.96 10.83 2.63
C GLN C 179 -19.49 10.47 2.81
N SER C 180 -19.21 9.84 3.94
CA SER C 180 -17.87 9.42 4.29
C SER C 180 -17.90 7.92 4.62
N ILE C 181 -16.95 7.16 4.07
CA ILE C 181 -16.64 5.81 4.59
C ILE C 181 -15.20 5.85 5.11
N ASN C 182 -14.98 5.46 6.35
CA ASN C 182 -13.67 5.64 6.95
C ASN C 182 -13.33 4.61 8.00
N PHE C 183 -12.05 4.29 8.11
CA PHE C 183 -11.56 3.41 9.15
C PHE C 183 -11.73 4.03 10.54
N LEU C 184 -11.82 5.37 10.61
CA LEU C 184 -12.07 6.10 11.89
C LEU C 184 -13.54 6.32 12.23
N GLU C 185 -13.83 6.41 13.53
CA GLU C 185 -15.11 6.90 14.02
C GLU C 185 -15.19 8.40 13.88
N SER C 186 -16.42 8.88 13.78
CA SER C 186 -16.65 10.30 13.67
C SER C 186 -18.06 10.62 14.11
N THR C 187 -18.23 11.79 14.68
CA THR C 187 -19.56 12.30 15.03
C THR C 187 -20.29 12.83 13.80
N TYR C 188 -19.63 12.79 12.64
CA TYR C 188 -20.25 13.23 11.40
C TYR C 188 -21.29 12.19 11.05
N GLU C 189 -22.52 12.66 10.89
CA GLU C 189 -23.67 11.82 10.73
C GLU C 189 -23.59 11.11 9.39
N GLY C 190 -22.88 11.71 8.43
CA GLY C 190 -22.57 11.07 7.14
C GLY C 190 -21.46 10.01 7.07
N ASN C 191 -20.78 9.76 8.20
CA ASN C 191 -19.69 8.80 8.26
C ASN C 191 -20.20 7.40 8.51
N HIS C 192 -19.57 6.46 7.82
CA HIS C 192 -19.83 5.06 7.96
C HIS C 192 -18.51 4.40 8.27
N ARG C 193 -18.37 3.93 9.49
CA ARG C 193 -17.11 3.36 9.91
C ARG C 193 -16.92 1.92 9.42
N ILE C 194 -15.73 1.63 8.91
CA ILE C 194 -15.36 0.27 8.56
C ILE C 194 -14.11 -0.18 9.34
N GLN C 195 -13.93 -1.49 9.46
CA GLN C 195 -12.69 -2.08 10.00
C GLN C 195 -11.83 -2.74 8.94
N ALA C 196 -12.46 -3.08 7.82
CA ALA C 196 -11.80 -3.71 6.70
C ALA C 196 -12.45 -3.17 5.39
N LEU C 197 -11.69 -3.09 4.29
CA LEU C 197 -12.27 -2.74 2.97
C LEU C 197 -13.46 -3.63 2.57
N ALA C 198 -13.44 -4.90 3.01
CA ALA C 198 -14.58 -5.82 2.81
C ALA C 198 -15.88 -5.33 3.47
N ASP C 199 -15.81 -4.44 4.46
CA ASP C 199 -17.02 -3.94 5.11
C ASP C 199 -17.80 -2.98 4.21
N ILE C 200 -17.17 -2.49 3.16
CA ILE C 200 -17.74 -1.41 2.33
C ILE C 200 -19.04 -1.90 1.64
N SER C 201 -18.99 -3.06 1.00
CA SER C 201 -20.18 -3.64 0.35
C SER C 201 -21.37 -3.86 1.34
N ARG C 202 -21.07 -4.23 2.59
CA ARG C 202 -22.11 -4.43 3.62
C ARG C 202 -22.96 -3.18 3.86
N ILE C 203 -22.36 -2.00 3.73
CA ILE C 203 -23.12 -0.75 3.80
C ILE C 203 -24.34 -0.73 2.81
N PHE C 204 -24.18 -1.38 1.66
CA PHE C 204 -25.13 -1.29 0.56
C PHE C 204 -26.09 -2.46 0.43
N GLU C 205 -26.05 -3.38 1.40
CA GLU C 205 -27.01 -4.46 1.43
C GLU C 205 -28.16 -4.13 2.40
N LYS D 4 15.22 41.82 14.86
CA LYS D 4 15.08 42.38 13.48
C LYS D 4 13.65 42.11 12.88
N THR D 5 13.39 42.66 11.71
CA THR D 5 12.11 42.67 11.07
C THR D 5 12.20 41.73 9.89
N ALA D 6 11.10 41.02 9.63
CA ALA D 6 11.05 40.09 8.52
C ALA D 6 9.88 40.44 7.58
N PHE D 7 10.16 40.45 6.28
CA PHE D 7 9.14 40.56 5.24
C PHE D 7 8.96 39.25 4.55
N ILE D 8 7.72 38.82 4.41
CA ILE D 8 7.37 37.67 3.60
C ILE D 8 6.44 38.19 2.50
N TRP D 9 6.84 37.92 1.26
CA TRP D 9 6.27 38.60 0.09
C TRP D 9 5.40 37.73 -0.77
N ASP D 10 4.30 38.32 -1.20
CA ASP D 10 3.52 37.82 -2.34
C ASP D 10 4.18 38.30 -3.62
N LEU D 11 3.94 37.57 -4.71
CA LEU D 11 4.51 37.89 -6.03
C LEU D 11 3.50 38.61 -6.95
N ASP D 12 2.52 37.91 -7.54
CA ASP D 12 1.67 38.61 -8.54
C ASP D 12 0.88 39.73 -7.91
N GLY D 13 0.89 40.90 -8.56
CA GLY D 13 0.18 42.07 -8.04
C GLY D 13 0.94 42.90 -7.01
N THR D 14 2.05 42.35 -6.51
CA THR D 14 2.75 42.92 -5.39
C THR D 14 4.19 43.22 -5.85
N LEU D 15 4.99 42.20 -6.12
CA LEU D 15 6.34 42.37 -6.64
C LEU D 15 6.37 42.20 -8.19
N LEU D 16 5.59 41.23 -8.71
CA LEU D 16 5.54 40.90 -10.14
C LEU D 16 4.28 41.36 -10.85
N ASP D 17 4.46 41.85 -12.06
CA ASP D 17 3.33 42.12 -12.95
C ASP D 17 3.22 40.99 -13.96
N SER D 18 2.40 39.99 -13.64
CA SER D 18 2.24 38.80 -14.48
C SER D 18 0.97 38.79 -15.30
N TYR D 19 0.22 39.88 -15.24
CA TYR D 19 -1.20 39.91 -15.66
C TYR D 19 -1.39 39.48 -17.10
N GLU D 20 -0.59 40.05 -17.98
CA GLU D 20 -0.65 39.72 -19.39
C GLU D 20 0.00 38.34 -19.70
N ALA D 21 1.01 37.97 -18.93
CA ALA D 21 1.63 36.64 -19.07
C ALA D 21 0.61 35.53 -18.75
N ILE D 22 -0.13 35.73 -17.68
CA ILE D 22 -1.25 34.86 -17.32
C ILE D 22 -2.32 34.78 -18.45
N LEU D 23 -2.77 35.92 -18.95
CA LEU D 23 -3.78 35.92 -20.01
C LEU D 23 -3.24 35.20 -21.24
N SER D 24 -1.96 35.38 -21.51
CA SER D 24 -1.35 34.79 -22.70
C SER D 24 -1.24 33.29 -22.56
N GLY D 25 -0.92 32.84 -21.36
CA GLY D 25 -0.89 31.41 -21.08
C GLY D 25 -2.27 30.74 -21.10
N ILE D 26 -3.30 31.46 -20.63
CA ILE D 26 -4.65 30.98 -20.73
C ILE D 26 -5.09 30.85 -22.19
N GLU D 27 -4.70 31.82 -23.01
CA GLU D 27 -4.97 31.84 -24.45
C GLU D 27 -4.32 30.63 -25.15
N GLU D 28 -3.05 30.40 -24.86
CA GLU D 28 -2.35 29.25 -25.38
C GLU D 28 -3.05 27.95 -24.93
N THR D 29 -3.45 27.89 -23.66
CA THR D 29 -4.13 26.71 -23.14
C THR D 29 -5.47 26.50 -23.86
N PHE D 30 -6.25 27.55 -24.00
CA PHE D 30 -7.55 27.42 -24.66
C PHE D 30 -7.41 26.93 -26.09
N ALA D 31 -6.36 27.39 -26.78
CA ALA D 31 -6.10 27.00 -28.18
C ALA D 31 -5.81 25.51 -28.26
N GLN D 32 -4.93 25.05 -27.40
CA GLN D 32 -4.61 23.64 -27.25
C GLN D 32 -5.85 22.76 -27.21
N PHE D 33 -6.88 23.18 -26.47
CA PHE D 33 -8.13 22.41 -26.30
C PHE D 33 -9.29 22.86 -27.18
N SER D 34 -9.00 23.77 -28.12
CA SER D 34 -9.99 24.35 -29.03
C SER D 34 -11.13 25.04 -28.28
N ILE D 35 -10.80 25.79 -27.21
CA ILE D 35 -11.82 26.55 -26.45
C ILE D 35 -11.89 27.99 -26.95
N PRO D 36 -13.08 28.43 -27.38
CA PRO D 36 -13.21 29.87 -27.66
C PRO D 36 -12.56 30.78 -26.58
N TYR D 37 -11.63 31.62 -27.03
CA TYR D 37 -10.95 32.58 -26.18
C TYR D 37 -11.40 34.04 -26.45
N ASP D 38 -12.12 34.59 -25.47
CA ASP D 38 -12.50 36.01 -25.39
C ASP D 38 -11.77 36.70 -24.21
N LYS D 39 -10.71 37.44 -24.54
CA LYS D 39 -9.76 37.96 -23.57
C LYS D 39 -10.40 38.76 -22.45
N GLU D 40 -11.35 39.60 -22.81
CA GLU D 40 -11.96 40.49 -21.85
C GLU D 40 -12.91 39.78 -20.91
N LYS D 41 -13.73 38.88 -21.44
CA LYS D 41 -14.56 38.03 -20.58
C LYS D 41 -13.72 37.16 -19.64
N VAL D 42 -12.59 36.67 -20.13
CA VAL D 42 -11.66 35.86 -19.35
C VAL D 42 -11.00 36.74 -18.29
N ARG D 43 -10.60 37.93 -18.69
CA ARG D 43 -9.96 38.89 -17.77
C ARG D 43 -10.89 39.17 -16.55
N GLU D 44 -12.12 39.53 -16.89
CA GLU D 44 -13.15 39.84 -15.92
C GLU D 44 -13.44 38.65 -15.00
N PHE D 45 -13.56 37.46 -15.61
CA PHE D 45 -13.80 36.20 -14.88
C PHE D 45 -12.72 35.91 -13.82
N ILE D 46 -11.45 36.13 -14.16
CA ILE D 46 -10.36 35.72 -13.27
C ILE D 46 -10.15 36.69 -12.10
N PHE D 47 -10.46 37.96 -12.33
CA PHE D 47 -10.55 39.00 -11.30
C PHE D 47 -11.65 38.67 -10.28
N LYS D 48 -12.89 38.48 -10.75
CA LYS D 48 -14.02 38.05 -9.89
C LYS D 48 -13.86 36.64 -9.27
N TYR D 49 -13.08 35.76 -9.91
CA TYR D 49 -12.92 34.37 -9.46
C TYR D 49 -11.44 33.97 -9.34
N SER D 50 -11.00 32.97 -10.10
CA SER D 50 -9.59 32.57 -10.09
C SER D 50 -9.33 31.81 -11.36
N VAL D 51 -8.06 31.64 -11.72
CA VAL D 51 -7.71 30.81 -12.88
C VAL D 51 -8.22 29.34 -12.72
N GLN D 52 -8.09 28.80 -11.53
CA GLN D 52 -8.55 27.44 -11.28
C GLN D 52 -10.06 27.33 -11.49
N ASP D 53 -10.78 28.38 -11.04
CA ASP D 53 -12.22 28.44 -11.22
C ASP D 53 -12.57 28.46 -12.70
N LEU D 54 -11.73 29.11 -13.50
CA LEU D 54 -11.96 29.16 -14.96
C LEU D 54 -11.80 27.78 -15.56
N LEU D 55 -10.75 27.06 -15.16
CA LEU D 55 -10.47 25.70 -15.67
C LEU D 55 -11.60 24.75 -15.28
N VAL D 56 -12.03 24.85 -14.03
CA VAL D 56 -13.13 24.03 -13.51
C VAL D 56 -14.39 24.23 -14.37
N ARG D 57 -14.73 25.49 -14.66
CA ARG D 57 -15.91 25.80 -15.48
C ARG D 57 -15.82 25.28 -16.90
N VAL D 58 -14.70 25.49 -17.58
CA VAL D 58 -14.55 24.94 -18.94
C VAL D 58 -14.45 23.40 -18.92
N ALA D 59 -13.90 22.85 -17.82
CA ALA D 59 -13.78 21.40 -17.68
C ALA D 59 -15.18 20.79 -17.56
N GLU D 60 -15.98 21.37 -16.66
CA GLU D 60 -17.37 20.92 -16.48
C GLU D 60 -18.19 21.10 -17.75
N ASP D 61 -18.06 22.26 -18.39
CA ASP D 61 -18.92 22.59 -19.51
C ASP D 61 -18.56 21.81 -20.76
N ARG D 62 -17.27 21.52 -20.94
CA ARG D 62 -16.80 20.95 -22.22
C ARG D 62 -16.35 19.51 -22.06
N ASN D 63 -16.60 18.97 -20.88
CA ASN D 63 -16.16 17.63 -20.57
C ASN D 63 -14.67 17.38 -20.84
N LEU D 64 -13.84 18.13 -20.12
CA LEU D 64 -12.39 18.00 -20.13
C LEU D 64 -11.92 17.68 -18.70
N ASP D 65 -10.71 17.11 -18.61
CA ASP D 65 -10.08 16.80 -17.36
C ASP D 65 -9.32 18.04 -16.84
N VAL D 66 -9.86 18.65 -15.79
CA VAL D 66 -9.30 19.87 -15.22
C VAL D 66 -7.79 19.78 -14.93
N GLU D 67 -7.32 18.58 -14.59
CA GLU D 67 -5.91 18.35 -14.30
C GLU D 67 -5.03 18.46 -15.53
N VAL D 68 -5.56 18.01 -16.66
CA VAL D 68 -4.87 18.16 -17.96
C VAL D 68 -4.83 19.64 -18.31
N LEU D 69 -5.96 20.33 -18.14
CA LEU D 69 -6.03 21.76 -18.40
C LEU D 69 -4.96 22.46 -17.54
N ASN D 70 -4.86 22.04 -16.26
CA ASN D 70 -3.99 22.74 -15.30
C ASN D 70 -2.50 22.53 -15.62
N GLN D 71 -2.16 21.33 -16.05
CA GLN D 71 -0.80 21.04 -16.43
C GLN D 71 -0.37 21.79 -17.70
N VAL D 72 -1.28 21.88 -18.67
CA VAL D 72 -1.04 22.68 -19.88
C VAL D 72 -0.87 24.17 -19.54
N ARG D 73 -1.72 24.65 -18.65
CA ARG D 73 -1.64 26.02 -18.12
C ARG D 73 -0.27 26.33 -17.49
N ALA D 74 0.24 25.40 -16.69
CA ALA D 74 1.50 25.58 -16.00
C ALA D 74 2.65 25.66 -17.01
N GLN D 75 2.68 24.71 -17.96
CA GLN D 75 3.73 24.71 -18.99
C GLN D 75 3.60 25.95 -19.90
N SER D 76 2.37 26.30 -20.32
CA SER D 76 2.11 27.55 -21.09
C SER D 76 2.63 28.84 -20.43
N LEU D 77 2.27 29.05 -19.18
CA LEU D 77 2.67 30.22 -18.37
C LEU D 77 4.22 30.34 -18.26
N ALA D 78 4.92 29.23 -18.07
CA ALA D 78 6.39 29.24 -18.02
C ALA D 78 7.04 29.61 -19.36
N GLU D 79 6.27 29.57 -20.44
CA GLU D 79 6.70 30.10 -21.75
C GLU D 79 6.49 31.62 -21.90
N LYS D 80 5.81 32.26 -20.94
CA LYS D 80 5.46 33.68 -21.08
C LYS D 80 6.31 34.64 -20.24
N ASN D 81 7.49 34.20 -19.81
CA ASN D 81 8.24 34.95 -18.79
C ASN D 81 8.80 36.29 -19.27
N ALA D 82 9.04 36.38 -20.58
CA ALA D 82 9.39 37.63 -21.23
C ALA D 82 8.35 38.70 -20.97
N GLN D 83 7.12 38.29 -20.69
CA GLN D 83 6.02 39.22 -20.47
C GLN D 83 5.85 39.62 -18.99
N VAL D 84 6.64 39.05 -18.10
CA VAL D 84 6.49 39.36 -16.68
C VAL D 84 7.54 40.39 -16.32
N VAL D 85 7.10 41.44 -15.64
CA VAL D 85 7.96 42.53 -15.23
C VAL D 85 7.75 42.83 -13.76
N LEU D 86 8.65 43.60 -13.15
CA LEU D 86 8.48 44.02 -11.76
C LEU D 86 7.33 45.03 -11.68
N MSE D 87 6.53 45.00 -10.60
CA MSE D 87 5.55 46.07 -10.35
C MSE D 87 6.36 47.36 -10.14
O MSE D 87 7.53 47.29 -9.69
CB MSE D 87 4.69 45.81 -9.10
CG MSE D 87 3.67 44.69 -9.26
SE MSE D 87 2.27 45.04 -10.59
CE MSE D 87 1.12 46.18 -9.45
N PRO D 88 5.76 48.54 -10.43
CA PRO D 88 6.41 49.82 -10.16
C PRO D 88 6.77 49.94 -8.68
N GLY D 89 8.01 50.34 -8.42
CA GLY D 89 8.52 50.44 -7.07
C GLY D 89 9.08 49.17 -6.45
N ALA D 90 8.92 48.03 -7.13
CA ALA D 90 9.33 46.73 -6.55
C ALA D 90 10.81 46.70 -6.23
N ARG D 91 11.63 47.03 -7.23
CA ARG D 91 13.09 46.99 -7.12
C ARG D 91 13.59 47.90 -5.99
N GLU D 92 12.97 49.08 -5.90
CA GLU D 92 13.28 50.07 -4.87
C GLU D 92 12.99 49.63 -3.44
N VAL D 93 11.81 49.08 -3.16
CA VAL D 93 11.48 48.65 -1.79
C VAL D 93 12.27 47.40 -1.39
N LEU D 94 12.58 46.52 -2.35
CA LEU D 94 13.49 45.38 -2.09
C LEU D 94 14.91 45.85 -1.73
N ALA D 95 15.44 46.81 -2.47
CA ALA D 95 16.74 47.42 -2.15
C ALA D 95 16.72 48.12 -0.77
N TRP D 96 15.63 48.83 -0.48
CA TRP D 96 15.49 49.49 0.81
C TRP D 96 15.48 48.49 1.98
N ALA D 97 14.60 47.49 1.90
CA ALA D 97 14.51 46.42 2.90
C ALA D 97 15.88 45.74 3.12
N ASP D 98 16.55 45.42 2.01
CA ASP D 98 17.86 44.79 2.08
C ASP D 98 18.87 45.62 2.85
N GLU D 99 18.99 46.90 2.48
CA GLU D 99 19.99 47.74 3.08
C GLU D 99 19.61 48.10 4.53
N SER D 100 18.33 48.03 4.85
CA SER D 100 17.86 48.20 6.22
C SER D 100 18.00 46.92 7.07
N GLY D 101 18.47 45.82 6.48
CA GLY D 101 18.74 44.60 7.28
C GLY D 101 17.56 43.66 7.49
N ILE D 102 16.48 43.89 6.78
CA ILE D 102 15.24 43.14 6.94
C ILE D 102 15.42 41.84 6.20
N GLN D 103 15.12 40.73 6.86
CA GLN D 103 15.15 39.41 6.21
C GLN D 103 13.94 39.28 5.30
N GLN D 104 14.18 38.86 4.06
CA GLN D 104 13.13 38.84 3.07
C GLN D 104 12.86 37.43 2.60
N PHE D 105 11.57 37.09 2.54
CA PHE D 105 11.12 35.79 2.11
C PHE D 105 10.00 35.88 1.09
N ILE D 106 9.72 34.76 0.44
CA ILE D 106 8.60 34.67 -0.49
C ILE D 106 7.71 33.47 -0.15
N TYR D 107 6.40 33.67 -0.20
CA TYR D 107 5.46 32.56 -0.34
C TYR D 107 4.47 32.86 -1.49
N THR D 108 4.51 31.98 -2.51
CA THR D 108 3.76 32.12 -3.74
C THR D 108 3.02 30.84 -4.14
N HIS D 109 1.88 30.99 -4.82
CA HIS D 109 1.13 29.87 -5.35
C HIS D 109 1.74 29.39 -6.68
N LYS D 110 2.62 30.20 -7.29
CA LYS D 110 3.45 29.76 -8.43
C LYS D 110 4.33 28.57 -8.04
N GLY D 111 4.87 27.90 -9.07
CA GLY D 111 5.71 26.73 -8.87
C GLY D 111 7.16 27.12 -9.10
N ASN D 112 7.97 26.15 -9.55
CA ASN D 112 9.43 26.37 -9.70
C ASN D 112 9.81 27.46 -10.71
N ASN D 113 8.90 27.78 -11.63
CA ASN D 113 9.11 28.88 -12.55
C ASN D 113 9.25 30.21 -11.81
N ALA D 114 8.70 30.32 -10.62
CA ALA D 114 8.95 31.49 -9.74
C ALA D 114 10.45 31.81 -9.68
N PHE D 115 11.27 30.80 -9.44
CA PHE D 115 12.70 31.00 -9.34
C PHE D 115 13.27 31.53 -10.66
N THR D 116 12.73 31.07 -11.79
CA THR D 116 13.31 31.48 -13.06
C THR D 116 12.95 32.97 -13.38
N ILE D 117 11.72 33.39 -13.08
CA ILE D 117 11.29 34.78 -13.21
C ILE D 117 12.08 35.71 -12.30
N LEU D 118 12.32 35.29 -11.05
CA LEU D 118 13.04 36.11 -10.08
C LEU D 118 14.51 36.29 -10.52
N LYS D 119 15.09 35.29 -11.13
CA LYS D 119 16.46 35.41 -11.64
C LYS D 119 16.53 36.26 -12.94
N ASP D 120 15.61 36.01 -13.88
CA ASP D 120 15.40 36.84 -15.08
C ASP D 120 15.32 38.31 -14.75
N LEU D 121 14.67 38.63 -13.63
CA LEU D 121 14.44 40.01 -13.27
C LEU D 121 15.55 40.56 -12.34
N GLY D 122 16.54 39.75 -11.98
CA GLY D 122 17.67 40.22 -11.19
C GLY D 122 17.38 40.49 -9.72
N VAL D 123 16.38 39.83 -9.14
CA VAL D 123 15.98 40.08 -7.75
C VAL D 123 16.00 38.85 -6.83
N GLU D 124 16.37 37.67 -7.36
CA GLU D 124 16.33 36.43 -6.61
C GLU D 124 17.23 36.47 -5.37
N SER D 125 18.36 37.18 -5.49
CA SER D 125 19.34 37.20 -4.41
C SER D 125 18.94 38.01 -3.16
N TYR D 126 17.83 38.77 -3.23
CA TYR D 126 17.31 39.47 -2.05
C TYR D 126 16.74 38.54 -1.01
N PHE D 127 16.35 37.33 -1.40
CA PHE D 127 15.53 36.51 -0.54
C PHE D 127 16.31 35.47 0.23
N THR D 128 16.02 35.36 1.52
CA THR D 128 16.71 34.36 2.34
C THR D 128 16.12 32.97 2.00
N GLU D 129 14.82 32.86 1.77
CA GLU D 129 14.21 31.58 1.44
C GLU D 129 12.94 31.81 0.59
N ILE D 130 12.77 31.04 -0.48
CA ILE D 130 11.64 31.19 -1.39
C ILE D 130 10.82 29.91 -1.37
N LEU D 131 9.54 30.05 -1.00
CA LEU D 131 8.64 28.94 -0.94
C LEU D 131 7.58 29.05 -2.00
N THR D 132 7.45 27.97 -2.78
CA THR D 132 6.53 27.87 -3.90
C THR D 132 5.54 26.74 -3.66
N SER D 133 4.73 26.44 -4.69
CA SER D 133 3.73 25.34 -4.60
C SER D 133 4.38 23.97 -4.46
N GLN D 134 5.67 23.92 -4.72
CA GLN D 134 6.47 22.72 -4.56
C GLN D 134 6.91 22.50 -3.15
N SER D 135 6.54 23.39 -2.23
CA SER D 135 7.10 23.42 -0.88
C SER D 135 6.53 22.31 0.00
N GLY D 136 5.32 21.90 -0.32
CA GLY D 136 4.57 20.91 0.42
C GLY D 136 3.56 21.50 1.37
N PHE D 137 3.59 22.82 1.56
CA PHE D 137 2.60 23.48 2.38
C PHE D 137 1.27 23.71 1.69
N VAL D 138 0.23 23.80 2.50
CA VAL D 138 -1.08 24.13 2.02
C VAL D 138 -1.06 25.62 1.55
N ARG D 139 -1.81 25.86 0.49
CA ARG D 139 -1.97 27.18 -0.05
C ARG D 139 -2.48 28.21 0.95
N LYS D 140 -2.13 29.48 0.74
CA LYS D 140 -2.69 30.59 1.49
C LYS D 140 -4.19 30.51 1.34
N PRO D 141 -4.94 30.88 2.38
CA PRO D 141 -4.49 31.45 3.64
C PRO D 141 -4.05 30.50 4.76
N SER D 142 -3.88 29.21 4.47
CA SER D 142 -3.39 28.28 5.50
C SER D 142 -2.09 28.80 6.09
N PRO D 143 -1.96 28.79 7.44
CA PRO D 143 -0.79 29.42 8.10
C PRO D 143 0.57 28.69 8.00
N GLU D 144 0.57 27.42 7.63
CA GLU D 144 1.71 26.51 7.82
C GLU D 144 3.05 27.01 7.24
N ALA D 145 3.03 27.61 6.05
CA ALA D 145 4.28 28.08 5.43
C ALA D 145 4.92 29.24 6.28
N ALA D 146 4.07 30.10 6.82
CA ALA D 146 4.49 31.19 7.70
C ALA D 146 4.98 30.67 9.06
N THR D 147 4.26 29.72 9.66
CA THR D 147 4.75 29.09 10.90
C THR D 147 6.14 28.54 10.74
N TYR D 148 6.39 27.83 9.65
CA TYR D 148 7.72 27.28 9.36
C TYR D 148 8.82 28.40 9.31
N LEU D 149 8.53 29.47 8.59
CA LEU D 149 9.47 30.59 8.51
C LEU D 149 9.68 31.22 9.88
N LEU D 150 8.59 31.44 10.63
CA LEU D 150 8.72 32.02 11.94
C LEU D 150 9.65 31.19 12.83
N ASP D 151 9.41 29.89 12.80
CA ASP D 151 10.04 29.01 13.73
C ASP D 151 11.42 28.60 13.30
N LYS D 152 11.64 28.42 11.99
CA LYS D 152 12.98 28.15 11.49
C LYS D 152 13.92 29.28 11.81
N TYR D 153 13.49 30.52 11.53
CA TYR D 153 14.33 31.71 11.75
C TYR D 153 14.12 32.36 13.09
N GLN D 154 13.29 31.75 13.93
CA GLN D 154 13.03 32.21 15.29
C GLN D 154 12.59 33.67 15.28
N LEU D 155 11.60 33.97 14.46
CA LEU D 155 11.14 35.32 14.33
C LEU D 155 9.99 35.55 15.34
N ASN D 156 9.89 36.80 15.79
CA ASN D 156 8.76 37.35 16.54
C ASN D 156 7.61 37.69 15.61
N SER D 157 6.41 37.24 15.94
CA SER D 157 5.29 37.39 15.07
C SER D 157 4.89 38.87 14.82
N ASP D 158 5.01 39.73 15.83
CA ASP D 158 4.62 41.13 15.68
C ASP D 158 5.61 41.96 14.83
N ASN D 159 6.79 41.39 14.60
CA ASN D 159 7.86 41.96 13.79
C ASN D 159 7.95 41.31 12.41
N THR D 160 6.94 40.54 12.03
CA THR D 160 6.92 39.84 10.76
C THR D 160 5.70 40.28 9.97
N TYR D 161 5.92 40.57 8.68
CA TYR D 161 4.91 41.17 7.78
C TYR D 161 4.74 40.34 6.52
N TYR D 162 3.52 39.88 6.25
CA TYR D 162 3.14 39.39 4.90
C TYR D 162 2.70 40.55 4.03
N ILE D 163 3.36 40.71 2.87
CA ILE D 163 3.05 41.81 1.96
C ILE D 163 2.36 41.27 0.69
N GLY D 164 1.16 41.80 0.41
CA GLY D 164 0.33 41.31 -0.69
C GLY D 164 -0.70 42.30 -1.21
N ASP D 165 -1.55 41.81 -2.14
CA ASP D 165 -2.54 42.66 -2.77
C ASP D 165 -3.99 42.19 -2.73
N ARG D 166 -4.23 40.99 -2.21
CA ARG D 166 -5.57 40.40 -2.18
C ARG D 166 -6.04 40.14 -0.74
N THR D 167 -7.31 39.81 -0.58
CA THR D 167 -7.84 39.49 0.76
C THR D 167 -7.26 38.21 1.33
N LEU D 168 -6.93 37.23 0.50
CA LEU D 168 -6.35 35.99 1.04
C LEU D 168 -4.96 36.21 1.66
N ASP D 169 -4.31 37.27 1.21
CA ASP D 169 -3.00 37.62 1.75
C ASP D 169 -3.17 38.16 3.17
N VAL D 170 -4.17 39.02 3.39
CA VAL D 170 -4.48 39.49 4.74
C VAL D 170 -4.88 38.29 5.62
N GLU D 171 -5.73 37.39 5.11
CA GLU D 171 -6.15 36.21 5.88
C GLU D 171 -4.95 35.35 6.23
N PHE D 172 -4.04 35.20 5.29
CA PHE D 172 -2.85 34.40 5.54
C PHE D 172 -2.09 34.94 6.74
N ALA D 173 -1.88 36.25 6.75
CA ALA D 173 -1.15 36.92 7.84
C ALA D 173 -1.89 36.76 9.15
N GLN D 174 -3.20 36.95 9.12
CA GLN D 174 -4.04 36.80 10.27
C GLN D 174 -4.06 35.38 10.80
N ASN D 175 -4.22 34.41 9.90
CA ASN D 175 -4.17 32.99 10.24
C ASN D 175 -2.83 32.55 10.87
N SER D 176 -1.75 33.21 10.43
CA SER D 176 -0.38 33.04 10.94
C SER D 176 -0.07 33.80 12.21
N GLY D 177 -0.85 34.84 12.51
CA GLY D 177 -0.61 35.72 13.64
C GLY D 177 0.45 36.78 13.38
N ILE D 178 0.65 37.12 12.13
CA ILE D 178 1.68 38.09 11.78
C ILE D 178 1.02 39.33 11.18
N GLN D 179 1.83 40.34 10.93
CA GLN D 179 1.34 41.61 10.44
C GLN D 179 1.13 41.47 8.97
N SER D 180 0.27 42.33 8.44
CA SER D 180 -0.09 42.33 7.03
C SER D 180 0.19 43.71 6.51
N ILE D 181 0.93 43.79 5.39
CA ILE D 181 0.97 45.01 4.58
C ILE D 181 0.21 44.71 3.26
N ASN D 182 -0.85 45.47 3.01
CA ASN D 182 -1.70 45.19 1.84
C ASN D 182 -2.21 46.45 1.15
N PHE D 183 -2.46 46.34 -0.15
CA PHE D 183 -3.14 47.40 -0.87
C PHE D 183 -4.59 47.57 -0.43
N LEU D 184 -5.18 46.50 0.08
CA LEU D 184 -6.57 46.54 0.52
C LEU D 184 -6.70 46.90 1.99
N GLU D 185 -7.78 47.62 2.32
CA GLU D 185 -8.11 47.89 3.72
C GLU D 185 -8.67 46.60 4.28
N SER D 186 -8.55 46.43 5.60
CA SER D 186 -9.04 45.22 6.22
C SER D 186 -9.49 45.52 7.62
N THR D 187 -10.48 44.74 8.06
CA THR D 187 -10.86 44.70 9.45
C THR D 187 -9.69 44.15 10.31
N TYR D 188 -8.75 43.45 9.69
CA TYR D 188 -7.64 42.88 10.47
C TYR D 188 -6.80 43.96 11.12
N GLU D 189 -6.73 43.86 12.45
CA GLU D 189 -6.03 44.84 13.28
C GLU D 189 -4.53 44.87 13.01
N GLY D 190 -3.94 43.76 12.55
CA GLY D 190 -2.53 43.75 12.16
C GLY D 190 -2.26 44.15 10.71
N ASN D 191 -3.26 44.77 10.05
CA ASN D 191 -3.12 45.20 8.64
C ASN D 191 -2.65 46.63 8.54
N HIS D 192 -1.78 46.88 7.58
CA HIS D 192 -1.26 48.22 7.29
C HIS D 192 -1.51 48.47 5.81
N ARG D 193 -2.55 49.25 5.51
CA ARG D 193 -2.97 49.50 4.13
C ARG D 193 -1.96 50.44 3.48
N ILE D 194 -1.57 50.13 2.23
CA ILE D 194 -0.69 51.00 1.44
C ILE D 194 -1.34 51.31 0.08
N GLN D 195 -0.90 52.39 -0.53
CA GLN D 195 -1.34 52.75 -1.88
C GLN D 195 -0.28 52.51 -2.93
N ALA D 196 0.99 52.62 -2.53
CA ALA D 196 2.13 52.28 -3.37
C ALA D 196 3.15 51.50 -2.55
N LEU D 197 4.13 50.88 -3.21
CA LEU D 197 5.22 50.18 -2.52
C LEU D 197 6.14 51.17 -1.81
N ALA D 198 6.23 52.39 -2.33
CA ALA D 198 7.04 53.41 -1.67
C ALA D 198 6.48 53.80 -0.28
N ASP D 199 5.22 53.47 -0.02
CA ASP D 199 4.62 53.73 1.29
C ASP D 199 5.14 52.77 2.37
N ILE D 200 5.76 51.64 1.98
CA ILE D 200 6.21 50.62 2.95
C ILE D 200 7.32 51.18 3.84
N SER D 201 8.37 51.71 3.23
CA SER D 201 9.46 52.31 4.00
C SER D 201 8.97 53.36 5.01
N ARG D 202 7.89 54.07 4.67
CA ARG D 202 7.22 55.03 5.59
C ARG D 202 6.71 54.40 6.89
N ILE D 203 6.15 53.20 6.77
CA ILE D 203 5.62 52.50 7.93
C ILE D 203 6.68 52.44 9.03
N PHE D 204 7.95 52.33 8.62
CA PHE D 204 9.05 52.10 9.55
C PHE D 204 9.91 53.33 9.81
N GLU D 205 9.68 54.40 9.06
CA GLU D 205 10.51 55.58 9.16
C GLU D 205 10.05 56.53 10.30
N THR D 206 10.92 56.67 11.31
CA THR D 206 10.83 57.77 12.28
C THR D 206 12.19 58.47 12.30
MG MG E . 13.43 -24.54 -8.18
CL CL F . 27.55 -22.39 6.49
CL CL G . 9.52 -33.06 -1.81
CL CL H . 7.25 -20.91 -2.44
CL CL I . 0.43 -20.98 0.66
CL CL J . 13.10 -24.98 -3.27
MG MG K . -12.74 -17.66 9.27
CL CL L . -13.88 -35.47 19.69
CL CL M . -9.29 -21.20 10.60
MG MG N . -4.89 8.15 3.56
CL CL O . -4.83 -0.45 -15.23
CL CL P . 5.13 10.96 1.58
CL CL Q . -3.12 23.26 -1.20
CL CL R . -3.16 9.47 -0.81
MG MG S . -0.91 38.72 -5.45
CL CL T . 19.16 37.65 -8.94
CL CL U . -2.19 31.21 -13.66
CL CL V . 2.01 34.84 -6.66
#